data_6I0X
#
_entry.id   6I0X
#
_cell.length_a   123.840
_cell.length_b   71.870
_cell.length_c   104.720
_cell.angle_alpha   90.00
_cell.angle_beta   95.86
_cell.angle_gamma   90.00
#
_symmetry.space_group_name_H-M   'C 1 2 1'
#
loop_
_entity.id
_entity.type
_entity.pdbx_description
1 polymer 'Peptidylarginine deiminase'
2 non-polymer 'SODIUM ION'
3 non-polymer N-[(1S)-1-(AMINOCARBONYL)-4-(ETHANIMIDOYLAMINO)BUTYL]BENZAMIDE
4 non-polymer GLYCEROL
5 water water
#
_entity_poly.entity_id   1
_entity_poly.type   'polypeptide(L)'
_entity_poly.pdbx_seq_one_letter_code
;AFQETNPPAGPVRAIAEYERSAAVLVRYPFGIPMELIKELAKNDKVITIVASESQKNTVITQYTQSGVNLSNCDFIIAKT
DSYWTRDYTGWFAMYDTNKVGLVDFIYNRPRPNDDEFPKYEAQYLGIEMFGMKLKQTGGNYMTDGYGSAVQSHIAYTENS
SLSQAQVNQKMKDYLGITHHDVVQDPNNTYIDHVDCWGKYLAPNKILIRKVPDNHPQHQALEDMAAYFAAQTCAWGTKYE
VYRALATNEQPYTNSLILNNRVFVPVNGPASVDNDALNVYKTAMPGYEIIGVKGASGTPWLGTDALHCRTHEVADKGYLY
IKHYPILGEQAGPDYKIEADVVSCANATISPVQCYYRINGSGSFKAADMTMESTGHYTYSFTGLNKNDKVEYYISAADNS
GRKETYPFIGEPDPFKFTCMNETNTCTVTGAAHHHHHH
;
_entity_poly.pdbx_strand_id   A,B
#
loop_
_chem_comp.id
_chem_comp.type
_chem_comp.name
_chem_comp.formula
BFB non-polymer N-[(1S)-1-(AMINOCARBONYL)-4-(ETHANIMIDOYLAMINO)BUTYL]BENZAMIDE 'C14 H20 N4 O2'
GOL non-polymer GLYCEROL 'C3 H8 O3'
NA non-polymer 'SODIUM ION' 'Na 1'
#
# COMPACT_ATOMS: atom_id res chain seq x y z
N ALA A 1 -28.89 4.79 6.03
CA ALA A 1 -27.94 3.71 5.77
C ALA A 1 -26.65 4.22 5.10
N PHE A 2 -25.57 3.41 5.11
CA PHE A 2 -24.29 3.77 4.47
C PHE A 2 -24.51 3.92 2.97
N GLN A 3 -24.02 5.02 2.42
CA GLN A 3 -24.15 5.32 1.02
C GLN A 3 -22.77 5.35 0.42
N GLU A 4 -22.48 4.40 -0.48
CA GLU A 4 -21.19 4.40 -1.16
C GLU A 4 -21.20 5.54 -2.19
N THR A 5 -20.07 6.20 -2.35
CA THR A 5 -19.93 7.28 -3.33
C THR A 5 -18.64 7.05 -4.06
N ASN A 6 -18.39 7.83 -5.10
CA ASN A 6 -17.08 7.83 -5.73
C ASN A 6 -16.13 8.47 -4.72
N PRO A 7 -14.83 8.17 -4.79
CA PRO A 7 -13.87 8.83 -3.90
C PRO A 7 -13.68 10.31 -4.29
N PRO A 8 -13.02 11.11 -3.43
CA PRO A 8 -12.84 12.54 -3.75
C PRO A 8 -11.91 12.76 -4.91
N ALA A 9 -12.08 13.88 -5.60
CA ALA A 9 -11.20 14.26 -6.69
C ALA A 9 -9.80 14.51 -6.14
N GLY A 10 -8.83 13.81 -6.72
CA GLY A 10 -7.46 13.82 -6.25
C GLY A 10 -6.63 15.03 -6.60
N PRO A 11 -5.42 15.14 -6.00
CA PRO A 11 -4.84 14.21 -5.02
C PRO A 11 -5.56 14.32 -3.67
N VAL A 12 -5.50 13.24 -2.91
CA VAL A 12 -6.17 13.14 -1.61
C VAL A 12 -5.09 13.08 -0.53
N ARG A 13 -5.34 13.71 0.64
CA ARG A 13 -4.39 13.68 1.74
C ARG A 13 -5.15 13.64 3.07
N ALA A 14 -5.12 12.50 3.75
CA ALA A 14 -5.76 12.41 5.08
C ALA A 14 -5.09 13.37 6.05
N ILE A 15 -5.87 14.06 6.89
CA ILE A 15 -5.36 15.06 7.84
C ILE A 15 -5.01 14.37 9.18
N ALA A 16 -3.81 14.69 9.71
CA ALA A 16 -3.36 14.11 10.97
C ALA A 16 -3.99 14.80 12.16
N GLU A 17 -3.98 14.11 13.32
CA GLU A 17 -4.56 14.64 14.56
C GLU A 17 -3.82 15.90 15.06
N TYR A 18 -2.53 16.01 14.72
CA TYR A 18 -1.68 17.15 15.16
C TYR A 18 -1.67 18.30 14.14
N GLU A 19 -2.60 18.25 13.17
CA GLU A 19 -2.79 19.41 12.28
C GLU A 19 -3.84 20.30 12.94
N ARG A 20 -4.06 21.49 12.41
CA ARG A 20 -5.06 22.41 12.97
C ARG A 20 -6.41 21.76 13.11
N SER A 21 -7.03 21.96 14.28
CA SER A 21 -8.37 21.50 14.57
C SER A 21 -9.24 22.70 14.85
N ALA A 22 -10.43 22.74 14.25
CA ALA A 22 -11.41 23.79 14.45
C ALA A 22 -12.33 23.49 15.62
N ALA A 23 -12.43 22.21 16.00
CA ALA A 23 -13.32 21.80 17.09
C ALA A 23 -12.96 20.42 17.58
N VAL A 24 -13.68 19.96 18.62
CA VAL A 24 -13.56 18.60 19.13
C VAL A 24 -15.01 18.10 19.33
N LEU A 25 -15.30 16.86 18.93
CA LEU A 25 -16.66 16.27 19.06
C LEU A 25 -16.75 15.36 20.25
N VAL A 26 -17.76 15.59 21.11
CA VAL A 26 -18.05 14.75 22.29
C VAL A 26 -19.56 14.46 22.26
N ARG A 27 -20.02 13.52 23.08
CA ARG A 27 -21.42 13.12 23.04
C ARG A 27 -22.02 13.04 24.44
N TYR A 28 -23.31 13.39 24.52
CA TYR A 28 -24.13 13.25 25.72
C TYR A 28 -25.21 12.21 25.45
N PRO A 29 -25.58 11.35 26.42
CA PRO A 29 -24.97 11.14 27.76
C PRO A 29 -23.46 10.91 27.71
N PHE A 30 -22.78 11.55 28.66
CA PHE A 30 -21.33 11.66 28.72
C PHE A 30 -20.59 10.44 29.18
N GLY A 31 -19.41 10.26 28.58
CA GLY A 31 -18.45 9.26 28.99
C GLY A 31 -17.18 9.95 29.47
N ILE A 32 -17.21 11.28 29.55
CA ILE A 32 -16.01 12.04 29.94
C ILE A 32 -16.34 12.95 31.12
N PRO A 33 -15.35 13.32 31.96
CA PRO A 33 -15.66 14.21 33.08
C PRO A 33 -15.92 15.63 32.61
N MET A 34 -16.72 16.36 33.39
CA MET A 34 -17.03 17.75 33.12
C MET A 34 -15.76 18.61 33.11
N GLU A 35 -14.77 18.26 33.97
CA GLU A 35 -13.53 19.02 34.02
C GLU A 35 -12.82 18.99 32.65
N LEU A 36 -12.87 17.84 31.94
CA LEU A 36 -12.27 17.74 30.60
C LEU A 36 -12.98 18.70 29.62
N ILE A 37 -14.34 18.70 29.63
CA ILE A 37 -15.12 19.60 28.75
C ILE A 37 -14.73 21.05 29.05
N LYS A 38 -14.66 21.44 30.37
CA LYS A 38 -14.27 22.80 30.77
C LYS A 38 -12.88 23.15 30.19
N GLU A 39 -11.89 22.26 30.35
CA GLU A 39 -10.54 22.47 29.83
C GLU A 39 -10.53 22.62 28.31
N LEU A 40 -11.28 21.77 27.61
CA LEU A 40 -11.35 21.83 26.15
C LEU A 40 -11.93 23.15 25.69
N ALA A 41 -13.06 23.57 26.31
CA ALA A 41 -13.78 24.77 25.91
C ALA A 41 -13.03 26.08 26.22
N LYS A 42 -11.92 26.04 26.99
CA LYS A 42 -11.15 27.28 27.25
C LYS A 42 -10.60 27.89 25.97
N ASN A 43 -10.09 27.03 25.10
CA ASN A 43 -9.42 27.48 23.89
C ASN A 43 -9.99 26.89 22.59
N ASP A 44 -10.85 25.88 22.68
CA ASP A 44 -11.33 25.22 21.48
C ASP A 44 -12.82 25.11 21.46
N LYS A 45 -13.35 24.99 20.25
CA LYS A 45 -14.79 24.79 20.09
C LYS A 45 -15.12 23.34 20.44
N VAL A 46 -16.07 23.17 21.35
CA VAL A 46 -16.54 21.85 21.73
C VAL A 46 -17.88 21.67 21.11
N ILE A 47 -18.02 20.68 20.23
CA ILE A 47 -19.31 20.34 19.62
C ILE A 47 -19.85 19.13 20.36
N THR A 48 -21.00 19.32 21.07
CA THR A 48 -21.60 18.22 21.81
C THR A 48 -22.75 17.66 20.99
N ILE A 49 -22.74 16.37 20.79
CA ILE A 49 -23.83 15.64 20.13
C ILE A 49 -24.89 15.35 21.19
N VAL A 50 -26.17 15.74 20.88
CA VAL A 50 -27.33 15.50 21.73
C VAL A 50 -28.46 14.94 20.85
N ALA A 51 -29.45 14.24 21.44
CA ALA A 51 -30.48 13.61 20.58
C ALA A 51 -31.64 14.54 20.29
N SER A 52 -31.76 15.62 21.05
CA SER A 52 -32.91 16.51 20.97
C SER A 52 -32.62 17.87 21.56
N GLU A 53 -33.53 18.83 21.29
CA GLU A 53 -33.49 20.17 21.86
C GLU A 53 -33.54 20.10 23.41
N SER A 54 -34.34 19.16 23.97
CA SER A 54 -34.44 19.02 25.43
C SER A 54 -33.10 18.58 26.02
N GLN A 55 -32.37 17.68 25.31
CA GLN A 55 -31.06 17.23 25.77
C GLN A 55 -30.05 18.38 25.67
N LYS A 56 -30.14 19.19 24.58
CA LYS A 56 -29.30 20.39 24.40
C LYS A 56 -29.46 21.29 25.61
N ASN A 57 -30.72 21.56 26.02
CA ASN A 57 -31.01 22.44 27.15
C ASN A 57 -30.48 21.85 28.46
N THR A 58 -30.65 20.54 28.68
CA THR A 58 -30.09 19.84 29.85
C THR A 58 -28.56 20.04 29.89
N VAL A 59 -27.86 19.84 28.73
CA VAL A 59 -26.41 19.99 28.69
C VAL A 59 -25.97 21.45 28.94
N ILE A 60 -26.65 22.45 28.36
CA ILE A 60 -26.32 23.86 28.61
C ILE A 60 -26.45 24.16 30.10
N THR A 61 -27.49 23.62 30.78
CA THR A 61 -27.64 23.82 32.23
C THR A 61 -26.40 23.28 32.98
N GLN A 62 -25.97 22.04 32.64
CA GLN A 62 -24.82 21.37 33.25
C GLN A 62 -23.54 22.14 32.97
N TYR A 63 -23.37 22.63 31.72
CA TYR A 63 -22.18 23.40 31.35
C TYR A 63 -22.15 24.75 32.12
N THR A 64 -23.30 25.46 32.20
CA THR A 64 -23.42 26.74 32.92
C THR A 64 -23.05 26.52 34.40
N GLN A 65 -23.59 25.46 35.04
CA GLN A 65 -23.35 25.17 36.45
C GLN A 65 -21.90 24.82 36.76
N SER A 66 -21.20 24.21 35.80
CA SER A 66 -19.82 23.76 35.95
C SER A 66 -18.80 24.80 35.49
N GLY A 67 -19.27 25.96 35.04
CA GLY A 67 -18.41 27.06 34.60
C GLY A 67 -17.72 26.81 33.28
N VAL A 68 -18.34 26.01 32.41
CA VAL A 68 -17.79 25.75 31.06
C VAL A 68 -17.94 27.03 30.23
N ASN A 69 -16.93 27.34 29.38
CA ASN A 69 -16.96 28.54 28.52
C ASN A 69 -18.03 28.33 27.42
N LEU A 70 -19.28 28.79 27.67
CA LEU A 70 -20.42 28.62 26.74
C LEU A 70 -20.20 29.26 25.37
N SER A 71 -19.32 30.28 25.30
CA SER A 71 -19.03 30.97 24.02
C SER A 71 -18.26 30.04 23.07
N ASN A 72 -17.76 28.89 23.59
CA ASN A 72 -17.06 27.91 22.75
C ASN A 72 -17.83 26.59 22.65
N CYS A 73 -19.10 26.58 23.05
CA CYS A 73 -19.94 25.39 22.99
C CYS A 73 -20.95 25.43 21.87
N ASP A 74 -20.87 24.44 20.98
CA ASP A 74 -21.78 24.23 19.86
C ASP A 74 -22.46 22.88 20.03
N PHE A 75 -23.57 22.66 19.30
CA PHE A 75 -24.33 21.41 19.43
C PHE A 75 -24.74 20.89 18.10
N ILE A 76 -24.79 19.56 17.99
CA ILE A 76 -25.34 18.85 16.84
C ILE A 76 -26.44 17.97 17.39
N ILE A 77 -27.63 18.07 16.80
CA ILE A 77 -28.75 17.26 17.24
C ILE A 77 -28.83 16.06 16.31
N ALA A 78 -28.58 14.85 16.84
CA ALA A 78 -28.65 13.62 16.08
C ALA A 78 -28.66 12.48 17.04
N LYS A 79 -29.40 11.44 16.74
CA LYS A 79 -29.39 10.24 17.58
C LYS A 79 -28.02 9.53 17.50
N THR A 80 -27.54 9.07 18.66
CA THR A 80 -26.31 8.28 18.74
C THR A 80 -26.56 7.15 19.70
N ASP A 81 -25.84 6.05 19.49
CA ASP A 81 -25.93 4.92 20.40
C ASP A 81 -24.89 4.95 21.52
N SER A 82 -23.76 5.63 21.32
CA SER A 82 -22.66 5.63 22.27
C SER A 82 -21.87 6.95 22.31
N TYR A 83 -20.93 7.04 23.29
CA TYR A 83 -20.09 8.22 23.44
C TYR A 83 -18.71 8.05 22.79
N TRP A 84 -18.49 6.97 22.03
CA TRP A 84 -17.21 6.71 21.38
C TRP A 84 -17.11 7.46 20.05
N THR A 85 -17.16 8.81 20.13
CA THR A 85 -17.11 9.67 18.91
C THR A 85 -15.83 9.40 18.12
N ARG A 86 -14.75 8.96 18.82
CA ARG A 86 -13.53 8.59 18.09
C ARG A 86 -13.75 7.60 17.01
N ASP A 87 -14.70 6.67 17.22
CA ASP A 87 -14.81 5.48 16.41
C ASP A 87 -15.79 5.53 15.26
N TYR A 88 -16.87 6.29 15.43
CA TYR A 88 -17.91 6.33 14.40
C TYR A 88 -18.03 7.66 13.64
N THR A 89 -17.38 8.75 14.11
CA THR A 89 -17.50 10.03 13.41
C THR A 89 -16.61 9.98 12.14
N GLY A 90 -16.83 10.89 11.22
CA GLY A 90 -16.09 10.82 9.94
C GLY A 90 -14.61 11.16 10.04
N TRP A 91 -13.85 10.76 9.01
CA TRP A 91 -12.42 11.02 8.91
C TRP A 91 -12.19 12.19 7.97
N PHE A 92 -11.22 13.05 8.32
CA PHE A 92 -10.97 14.24 7.51
C PHE A 92 -9.85 14.05 6.52
N ALA A 93 -10.06 14.62 5.33
CA ALA A 93 -9.05 14.56 4.27
C ALA A 93 -9.14 15.77 3.39
N MET A 94 -7.98 16.22 2.91
CA MET A 94 -7.96 17.30 1.94
C MET A 94 -8.01 16.66 0.58
N TYR A 95 -8.67 17.34 -0.37
CA TYR A 95 -8.76 16.83 -1.73
C TYR A 95 -8.88 18.00 -2.69
N ASP A 96 -8.75 17.75 -3.99
CA ASP A 96 -8.94 18.75 -5.05
C ASP A 96 -8.19 20.06 -4.72
N THR A 97 -6.91 19.92 -4.31
CA THR A 97 -5.91 20.94 -3.98
C THR A 97 -6.20 21.66 -2.67
N ASN A 98 -7.39 22.24 -2.51
CA ASN A 98 -7.67 23.06 -1.33
C ASN A 98 -9.08 22.89 -0.79
N LYS A 99 -9.54 21.65 -0.68
CA LYS A 99 -10.86 21.41 -0.06
C LYS A 99 -10.70 20.42 1.06
N VAL A 100 -11.53 20.55 2.10
CA VAL A 100 -11.58 19.63 3.23
C VAL A 100 -12.87 18.82 3.10
N GLY A 101 -12.74 17.48 3.14
CA GLY A 101 -13.89 16.58 3.02
C GLY A 101 -13.98 15.60 4.17
N LEU A 102 -15.14 14.96 4.29
CA LEU A 102 -15.37 13.95 5.33
C LEU A 102 -15.51 12.62 4.68
N VAL A 103 -14.86 11.58 5.25
CA VAL A 103 -14.98 10.23 4.74
C VAL A 103 -15.78 9.42 5.74
N ASP A 104 -16.91 8.88 5.25
CA ASP A 104 -17.78 7.97 5.97
C ASP A 104 -17.33 6.54 5.67
N PHE A 105 -17.69 5.63 6.55
CA PHE A 105 -17.32 4.22 6.43
C PHE A 105 -18.39 3.42 7.17
N ILE A 106 -18.26 2.10 7.10
CA ILE A 106 -19.16 1.21 7.81
C ILE A 106 -18.56 1.02 9.21
N TYR A 107 -19.22 1.58 10.23
CA TYR A 107 -18.74 1.44 11.59
C TYR A 107 -18.75 -0.04 11.99
N ASN A 108 -17.66 -0.53 12.58
CA ASN A 108 -17.51 -1.96 12.88
C ASN A 108 -18.26 -2.47 14.13
N ARG A 109 -19.30 -1.73 14.56
CA ARG A 109 -20.11 -2.10 15.71
C ARG A 109 -21.57 -2.07 15.31
N PRO A 110 -22.43 -2.89 15.95
CA PRO A 110 -23.87 -2.88 15.62
C PRO A 110 -24.57 -1.70 16.29
N ARG A 111 -24.26 -0.47 15.80
CA ARG A 111 -24.75 0.78 16.37
C ARG A 111 -25.25 1.65 15.21
N PRO A 112 -26.49 1.41 14.73
CA PRO A 112 -26.93 2.11 13.50
C PRO A 112 -27.01 3.64 13.60
N ASN A 113 -27.29 4.19 14.79
CA ASN A 113 -27.36 5.66 14.91
C ASN A 113 -25.95 6.23 14.86
N ASP A 114 -25.02 5.60 15.55
CA ASP A 114 -23.61 6.00 15.49
C ASP A 114 -23.09 5.93 14.06
N ASP A 115 -23.43 4.82 13.37
CA ASP A 115 -22.96 4.59 11.97
C ASP A 115 -23.45 5.68 11.01
N GLU A 116 -24.66 6.18 11.26
CA GLU A 116 -25.32 7.18 10.42
C GLU A 116 -24.82 8.60 10.71
N PHE A 117 -24.20 8.83 11.88
CA PHE A 117 -23.81 10.16 12.34
C PHE A 117 -22.95 10.97 11.34
N PRO A 118 -21.94 10.41 10.63
CA PRO A 118 -21.16 11.26 9.71
C PRO A 118 -22.01 12.09 8.74
N LYS A 119 -23.13 11.57 8.26
CA LYS A 119 -23.98 12.36 7.33
C LYS A 119 -24.40 13.67 7.98
N TYR A 120 -24.81 13.63 9.27
CA TYR A 120 -25.23 14.82 10.01
C TYR A 120 -24.04 15.72 10.34
N GLU A 121 -22.87 15.13 10.53
CA GLU A 121 -21.63 15.88 10.80
C GLU A 121 -21.24 16.70 9.56
N ALA A 122 -21.24 16.06 8.36
CA ALA A 122 -20.88 16.75 7.10
C ALA A 122 -21.86 17.91 6.85
N GLN A 123 -23.18 17.65 7.02
CA GLN A 123 -24.18 18.68 6.82
C GLN A 123 -23.97 19.84 7.82
N TYR A 124 -23.66 19.49 9.08
CA TYR A 124 -23.45 20.52 10.09
C TYR A 124 -22.25 21.41 9.73
N LEU A 125 -21.16 20.81 9.25
CA LEU A 125 -19.94 21.55 8.94
C LEU A 125 -19.95 22.26 7.57
N GLY A 126 -20.82 21.85 6.66
CA GLY A 126 -20.90 22.44 5.33
C GLY A 126 -19.85 21.90 4.36
N ILE A 127 -19.39 20.67 4.58
CA ILE A 127 -18.39 20.05 3.71
C ILE A 127 -18.97 18.80 3.00
N GLU A 128 -18.30 18.36 1.91
CA GLU A 128 -18.78 17.18 1.22
C GLU A 128 -18.36 15.91 1.94
N MET A 129 -19.17 14.86 1.78
CA MET A 129 -18.89 13.55 2.39
C MET A 129 -18.74 12.50 1.31
N PHE A 130 -17.76 11.59 1.48
CA PHE A 130 -17.48 10.50 0.55
C PHE A 130 -17.64 9.18 1.29
N GLY A 131 -18.30 8.20 0.67
CA GLY A 131 -18.59 6.93 1.33
C GLY A 131 -17.64 5.85 0.90
N MET A 132 -16.69 5.54 1.80
CA MET A 132 -15.70 4.48 1.60
C MET A 132 -16.28 3.17 2.10
N LYS A 133 -16.53 2.21 1.18
CA LYS A 133 -17.18 0.97 1.56
C LYS A 133 -16.18 -0.01 2.21
N LEU A 134 -15.79 0.28 3.45
CA LEU A 134 -14.91 -0.56 4.29
C LEU A 134 -15.45 -0.54 5.67
N LYS A 135 -15.36 -1.66 6.36
CA LYS A 135 -15.75 -1.74 7.77
C LYS A 135 -14.55 -1.20 8.55
N GLN A 136 -14.77 -0.10 9.27
CA GLN A 136 -13.69 0.60 9.93
C GLN A 136 -14.10 1.13 11.29
N THR A 137 -13.09 1.68 12.01
CA THR A 137 -13.34 2.34 13.30
C THR A 137 -12.20 3.35 13.51
N GLY A 138 -12.53 4.58 13.90
CA GLY A 138 -11.51 5.61 14.09
C GLY A 138 -10.47 5.29 15.16
N GLY A 139 -10.85 4.49 16.16
CA GLY A 139 -9.90 4.13 17.21
C GLY A 139 -8.75 3.29 16.69
N ASN A 140 -9.00 2.62 15.56
CA ASN A 140 -8.02 1.74 14.94
C ASN A 140 -7.36 2.40 13.74
N TYR A 141 -7.36 3.74 13.73
CA TYR A 141 -6.79 4.49 12.62
C TYR A 141 -6.01 5.70 13.11
N MET A 142 -4.82 5.88 12.52
CA MET A 142 -4.05 7.13 12.69
C MET A 142 -3.26 7.37 11.45
N THR A 143 -3.16 8.65 11.04
CA THR A 143 -2.36 8.98 9.87
C THR A 143 -1.28 10.01 10.23
N ASP A 144 -0.17 10.02 9.49
CA ASP A 144 0.91 10.98 9.75
C ASP A 144 0.66 12.28 8.99
N GLY A 145 -0.33 12.33 8.09
CA GLY A 145 -0.60 13.51 7.27
C GLY A 145 0.20 13.56 5.98
N TYR A 146 0.98 12.51 5.74
CA TYR A 146 1.85 12.36 4.58
C TYR A 146 1.60 11.01 3.87
N GLY A 147 0.36 10.52 3.94
CA GLY A 147 -0.03 9.30 3.26
C GLY A 147 0.27 7.99 3.95
N SER A 148 0.70 8.00 5.23
CA SER A 148 0.85 6.74 5.99
C SER A 148 -0.27 6.60 6.97
N ALA A 149 -0.72 5.38 7.19
CA ALA A 149 -1.72 5.12 8.21
C ALA A 149 -1.40 3.82 8.85
N VAL A 150 -1.52 3.80 10.17
CA VAL A 150 -1.28 2.59 10.97
C VAL A 150 -2.61 2.08 11.43
N GLN A 151 -2.85 0.76 11.27
CA GLN A 151 -4.08 0.08 11.74
C GLN A 151 -3.78 -1.30 12.20
N SER A 152 -4.54 -1.82 13.18
CA SER A 152 -4.33 -3.21 13.52
C SER A 152 -5.01 -4.10 12.45
N HIS A 153 -4.69 -5.42 12.49
CA HIS A 153 -5.10 -6.44 11.55
C HIS A 153 -6.61 -6.52 11.30
N ILE A 154 -7.46 -6.00 12.24
CA ILE A 154 -8.90 -6.04 12.00
C ILE A 154 -9.27 -5.23 10.77
N ALA A 155 -8.39 -4.28 10.30
CA ALA A 155 -8.69 -3.54 9.05
C ALA A 155 -8.81 -4.56 7.88
N TYR A 156 -8.11 -5.72 7.98
CA TYR A 156 -8.22 -6.78 6.97
C TYR A 156 -9.29 -7.80 7.35
N THR A 157 -9.21 -8.37 8.58
CA THR A 157 -10.11 -9.47 8.98
C THR A 157 -11.58 -9.04 9.07
N GLU A 158 -11.88 -7.74 9.28
CA GLU A 158 -13.28 -7.31 9.31
C GLU A 158 -13.76 -6.88 7.91
N ASN A 159 -12.91 -7.06 6.91
CA ASN A 159 -13.17 -6.78 5.50
C ASN A 159 -12.71 -7.99 4.72
N SER A 160 -12.98 -9.19 5.27
CA SER A 160 -12.47 -10.45 4.75
C SER A 160 -13.04 -10.86 3.38
N SER A 161 -14.12 -10.22 2.89
CA SER A 161 -14.63 -10.55 1.55
C SER A 161 -13.82 -9.79 0.47
N LEU A 162 -12.93 -8.89 0.90
CA LEU A 162 -12.06 -8.09 0.04
C LEU A 162 -10.63 -8.54 0.21
N SER A 163 -9.83 -8.49 -0.86
CA SER A 163 -8.42 -8.82 -0.71
C SER A 163 -7.72 -7.70 0.05
N GLN A 164 -6.54 -7.98 0.63
CA GLN A 164 -5.74 -6.90 1.24
C GLN A 164 -5.45 -5.79 0.22
N ALA A 165 -5.14 -6.18 -1.05
CA ALA A 165 -4.83 -5.24 -2.11
C ALA A 165 -6.02 -4.30 -2.32
N GLN A 166 -7.26 -4.83 -2.34
CA GLN A 166 -8.45 -4.01 -2.53
C GLN A 166 -8.65 -3.07 -1.36
N VAL A 167 -8.40 -3.55 -0.12
CA VAL A 167 -8.55 -2.72 1.07
C VAL A 167 -7.54 -1.58 1.00
N ASN A 168 -6.26 -1.90 0.67
CA ASN A 168 -5.23 -0.87 0.52
C ASN A 168 -5.64 0.14 -0.54
N GLN A 169 -6.18 -0.34 -1.70
CA GLN A 169 -6.60 0.54 -2.81
C GLN A 169 -7.72 1.52 -2.36
N LYS A 170 -8.68 1.06 -1.51
CA LYS A 170 -9.73 1.94 -1.01
C LYS A 170 -9.13 2.98 -0.12
N MET A 171 -8.18 2.60 0.73
CA MET A 171 -7.54 3.64 1.57
C MET A 171 -6.78 4.66 0.72
N LYS A 172 -6.16 4.20 -0.39
CA LYS A 172 -5.43 5.09 -1.26
C LYS A 172 -6.40 6.08 -1.94
N ASP A 173 -7.52 5.54 -2.46
CA ASP A 173 -8.47 6.32 -3.21
C ASP A 173 -9.22 7.32 -2.35
N TYR A 174 -9.68 6.92 -1.17
CA TYR A 174 -10.50 7.81 -0.37
C TYR A 174 -9.73 8.69 0.61
N LEU A 175 -8.50 8.31 0.98
CA LEU A 175 -7.72 9.01 2.00
C LEU A 175 -6.30 9.33 1.58
N GLY A 176 -5.91 8.92 0.36
CA GLY A 176 -4.57 9.18 -0.14
C GLY A 176 -3.46 8.35 0.49
N ILE A 177 -3.81 7.26 1.20
CA ILE A 177 -2.84 6.45 1.93
C ILE A 177 -2.01 5.64 0.96
N THR A 178 -0.72 5.92 0.91
CA THR A 178 0.23 5.20 0.03
C THR A 178 0.95 4.09 0.83
N HIS A 179 0.94 4.20 2.17
CA HIS A 179 1.48 3.15 3.01
C HIS A 179 0.43 2.79 4.06
N HIS A 180 -0.37 1.78 3.76
CA HIS A 180 -1.39 1.25 4.66
C HIS A 180 -0.68 0.21 5.53
N ASP A 181 -0.17 0.68 6.69
CA ASP A 181 0.66 -0.14 7.58
C ASP A 181 -0.24 -0.92 8.54
N VAL A 182 -0.65 -2.11 8.11
CA VAL A 182 -1.56 -2.97 8.90
C VAL A 182 -0.70 -3.93 9.68
N VAL A 183 -0.82 -3.85 11.03
CA VAL A 183 0.03 -4.63 11.95
C VAL A 183 -0.79 -5.56 12.84
N GLN A 184 -0.14 -6.63 13.33
CA GLN A 184 -0.79 -7.50 14.30
C GLN A 184 -0.86 -6.75 15.63
N ASP A 185 -2.07 -6.60 16.19
CA ASP A 185 -2.21 -5.89 17.46
C ASP A 185 -1.39 -6.56 18.60
N PRO A 186 -0.53 -5.76 19.28
CA PRO A 186 0.32 -6.33 20.35
C PRO A 186 -0.29 -6.26 21.77
N ASN A 187 -1.46 -5.61 21.95
CA ASN A 187 -2.00 -5.33 23.28
C ASN A 187 -2.73 -6.47 24.02
N ASN A 188 -3.08 -7.59 23.37
CA ASN A 188 -3.71 -8.74 24.06
C ASN A 188 -5.11 -8.42 24.61
N THR A 189 -5.90 -7.65 23.85
CA THR A 189 -7.26 -7.36 24.30
C THR A 189 -8.26 -7.67 23.18
N TYR A 190 -9.55 -7.58 23.49
CA TYR A 190 -10.57 -7.89 22.49
C TYR A 190 -10.64 -6.84 21.36
N ILE A 191 -10.25 -5.60 21.68
CA ILE A 191 -10.60 -4.45 20.85
C ILE A 191 -9.72 -4.24 19.61
N ASP A 192 -8.42 -4.47 19.71
CA ASP A 192 -7.53 -4.36 18.58
C ASP A 192 -7.58 -2.97 17.92
N HIS A 193 -7.48 -1.94 18.75
CA HIS A 193 -7.38 -0.55 18.27
C HIS A 193 -5.96 -0.03 18.48
N VAL A 194 -5.37 0.59 17.45
CA VAL A 194 -4.02 1.13 17.58
CA VAL A 194 -4.03 1.18 17.56
C VAL A 194 -3.92 2.14 18.74
N ASP A 195 -4.95 2.98 18.98
CA ASP A 195 -4.84 4.03 19.98
C ASP A 195 -4.61 3.53 21.43
N CYS A 196 -4.83 2.24 21.70
CA CYS A 196 -4.55 1.68 23.03
C CYS A 196 -3.04 1.35 23.24
N TRP A 197 -2.23 1.44 22.16
CA TRP A 197 -0.80 1.13 22.30
C TRP A 197 0.11 2.06 21.49
N GLY A 198 -0.41 2.77 20.48
CA GLY A 198 0.45 3.57 19.61
C GLY A 198 -0.15 4.90 19.22
N LYS A 199 0.71 5.91 19.01
CA LYS A 199 0.23 7.22 18.62
C LYS A 199 1.29 8.00 17.91
N TYR A 200 1.01 8.45 16.69
CA TYR A 200 1.92 9.43 16.09
C TYR A 200 1.82 10.74 16.88
N LEU A 201 2.94 11.28 17.35
CA LEU A 201 2.95 12.58 18.06
C LEU A 201 3.29 13.73 17.10
N ALA A 202 3.96 13.40 15.98
CA ALA A 202 4.38 14.30 14.92
C ALA A 202 4.73 13.41 13.72
N PRO A 203 4.97 13.93 12.51
CA PRO A 203 5.33 13.05 11.38
C PRO A 203 6.54 12.19 11.67
N ASN A 204 7.45 12.65 12.59
CA ASN A 204 8.69 11.91 12.86
C ASN A 204 8.73 11.26 14.26
N LYS A 205 7.61 11.24 14.99
CA LYS A 205 7.59 10.73 16.34
C LYS A 205 6.44 9.79 16.57
N ILE A 206 6.73 8.65 17.22
CA ILE A 206 5.65 7.72 17.55
C ILE A 206 5.83 7.28 19.00
N LEU A 207 4.73 7.26 19.74
CA LEU A 207 4.69 6.83 21.12
C LEU A 207 4.17 5.42 21.15
N ILE A 208 4.93 4.51 21.77
CA ILE A 208 4.50 3.11 21.89
C ILE A 208 4.41 2.72 23.37
N ARG A 209 3.30 2.08 23.76
CA ARG A 209 3.10 1.59 25.12
C ARG A 209 4.27 0.67 25.55
N LYS A 210 4.60 0.73 26.82
CA LYS A 210 5.62 -0.13 27.44
C LYS A 210 5.02 -0.70 28.71
N VAL A 211 5.33 -1.97 29.01
CA VAL A 211 4.83 -2.60 30.23
C VAL A 211 6.03 -3.20 30.97
N PRO A 212 5.88 -3.57 32.26
CA PRO A 212 7.00 -4.20 33.00
C PRO A 212 7.49 -5.49 32.33
N ASP A 213 8.75 -5.85 32.58
CA ASP A 213 9.40 -7.01 31.99
C ASP A 213 8.63 -8.33 32.20
N ASN A 214 7.91 -8.47 33.32
CA ASN A 214 7.17 -9.69 33.71
C ASN A 214 5.73 -9.73 33.14
N HIS A 215 5.26 -8.63 32.47
CA HIS A 215 3.93 -8.56 31.88
C HIS A 215 3.92 -9.44 30.61
N PRO A 216 2.81 -10.16 30.32
CA PRO A 216 2.81 -11.10 29.17
C PRO A 216 2.96 -10.45 27.80
N GLN A 217 2.66 -9.15 27.70
CA GLN A 217 2.76 -8.40 26.43
C GLN A 217 4.02 -7.61 26.31
N HIS A 218 4.97 -7.80 27.23
CA HIS A 218 6.23 -7.05 27.20
C HIS A 218 6.94 -7.19 25.85
N GLN A 219 7.26 -8.43 25.42
CA GLN A 219 7.99 -8.59 24.15
C GLN A 219 7.20 -8.08 22.93
N ALA A 220 5.87 -8.30 22.86
CA ALA A 220 5.08 -7.84 21.70
C ALA A 220 5.22 -6.31 21.53
N LEU A 221 5.15 -5.58 22.67
CA LEU A 221 5.27 -4.11 22.64
C LEU A 221 6.71 -3.67 22.34
N GLU A 222 7.73 -4.41 22.85
CA GLU A 222 9.12 -4.08 22.54
C GLU A 222 9.38 -4.30 21.05
N ASP A 223 8.78 -5.37 20.50
CA ASP A 223 8.90 -5.71 19.07
C ASP A 223 8.24 -4.62 18.22
N MET A 224 7.09 -4.09 18.68
CA MET A 224 6.39 -3.03 17.96
C MET A 224 7.24 -1.72 17.96
N ALA A 225 7.89 -1.37 19.11
CA ALA A 225 8.78 -0.21 19.21
C ALA A 225 9.94 -0.37 18.22
N ALA A 226 10.58 -1.56 18.21
CA ALA A 226 11.70 -1.83 17.28
C ALA A 226 11.24 -1.70 15.82
N TYR A 227 10.03 -2.23 15.51
CA TYR A 227 9.45 -2.17 14.16
C TYR A 227 9.38 -0.69 13.64
N PHE A 228 8.90 0.24 14.48
CA PHE A 228 8.83 1.64 14.03
C PHE A 228 10.20 2.31 14.07
N ALA A 229 11.07 1.92 15.03
CA ALA A 229 12.40 2.55 15.13
C ALA A 229 13.24 2.34 13.87
N ALA A 230 12.98 1.25 13.15
CA ALA A 230 13.75 0.89 11.95
C ALA A 230 13.14 1.50 10.68
N GLN A 231 11.97 2.12 10.82
CA GLN A 231 11.28 2.70 9.65
C GLN A 231 11.64 4.15 9.39
N THR A 232 11.73 4.51 8.12
CA THR A 232 11.96 5.88 7.70
C THR A 232 10.63 6.62 7.74
N CYS A 233 10.58 7.77 8.43
CA CYS A 233 9.34 8.53 8.54
C CYS A 233 9.17 9.45 7.30
N ALA A 234 8.04 10.18 7.23
CA ALA A 234 7.75 11.09 6.12
C ALA A 234 8.86 12.14 5.85
N TRP A 235 9.57 12.58 6.88
CA TRP A 235 10.61 13.59 6.77
C TRP A 235 11.98 13.00 6.39
N GLY A 236 12.07 11.69 6.20
CA GLY A 236 13.30 11.06 5.73
C GLY A 236 14.24 10.51 6.79
N THR A 237 13.93 10.75 8.07
CA THR A 237 14.74 10.27 9.18
C THR A 237 14.07 9.04 9.77
N LYS A 238 14.78 8.27 10.60
CA LYS A 238 14.10 7.15 11.27
C LYS A 238 13.19 7.73 12.33
N TYR A 239 12.05 7.10 12.58
CA TYR A 239 11.14 7.57 13.63
C TYR A 239 11.83 7.74 14.99
N GLU A 240 11.45 8.78 15.73
CA GLU A 240 11.81 8.95 17.14
C GLU A 240 10.78 8.16 17.88
N VAL A 241 11.17 7.10 18.58
CA VAL A 241 10.22 6.24 19.27
C VAL A 241 10.27 6.56 20.77
N TYR A 242 9.15 7.01 21.29
CA TYR A 242 8.94 7.33 22.71
C TYR A 242 8.16 6.22 23.37
N ARG A 243 8.38 6.01 24.68
CA ARG A 243 7.69 4.95 25.39
C ARG A 243 7.00 5.48 26.62
N ALA A 244 5.76 5.08 26.83
CA ALA A 244 5.04 5.43 28.05
C ALA A 244 4.82 4.15 28.83
N LEU A 245 5.40 4.09 30.01
CA LEU A 245 5.34 2.90 30.84
C LEU A 245 4.04 2.79 31.63
N ALA A 246 3.25 1.77 31.27
CA ALA A 246 2.02 1.43 31.96
C ALA A 246 2.33 0.31 32.96
N THR A 247 2.50 0.66 34.24
CA THR A 247 2.83 -0.33 35.28
C THR A 247 1.62 -1.18 35.63
N ASN A 248 0.42 -0.63 35.37
CA ASN A 248 -0.83 -1.24 35.76
C ASN A 248 -1.97 -0.90 34.79
N GLU A 249 -1.76 -1.18 33.50
CA GLU A 249 -2.72 -1.03 32.40
CA GLU A 249 -2.71 -1.03 32.39
C GLU A 249 -3.24 0.41 32.21
N GLN A 250 -2.49 1.45 32.68
CA GLN A 250 -2.89 2.87 32.52
C GLN A 250 -2.86 3.22 31.02
N PRO A 251 -3.95 3.83 30.49
CA PRO A 251 -4.03 4.09 29.03
C PRO A 251 -3.30 5.34 28.57
N TYR A 252 -1.98 5.45 28.87
CA TYR A 252 -1.24 6.66 28.57
C TYR A 252 -1.11 7.01 27.06
N THR A 253 -1.20 6.05 26.14
CA THR A 253 -1.11 6.41 24.71
C THR A 253 -2.47 6.90 24.18
N ASN A 254 -3.52 6.79 24.98
CA ASN A 254 -4.88 7.12 24.56
C ASN A 254 -5.21 8.60 24.84
N SER A 255 -4.33 9.49 24.37
CA SER A 255 -4.42 10.92 24.54
C SER A 255 -5.03 11.60 23.32
N LEU A 256 -5.38 12.89 23.47
CA LEU A 256 -5.88 13.70 22.36
C LEU A 256 -4.94 14.87 22.11
N ILE A 257 -4.42 14.99 20.87
CA ILE A 257 -3.67 16.18 20.51
C ILE A 257 -4.68 17.13 19.90
N LEU A 258 -4.84 18.30 20.51
CA LEU A 258 -5.78 19.30 20.00
C LEU A 258 -5.03 20.61 19.90
N ASN A 259 -4.59 20.93 18.68
CA ASN A 259 -3.84 22.15 18.41
C ASN A 259 -2.56 22.11 19.28
N ASN A 260 -2.32 23.10 20.17
CA ASN A 260 -1.07 23.14 20.95
C ASN A 260 -1.22 22.51 22.37
N ARG A 261 -2.28 21.73 22.59
CA ARG A 261 -2.51 21.09 23.88
C ARG A 261 -2.65 19.59 23.71
N VAL A 262 -2.21 18.82 24.73
CA VAL A 262 -2.30 17.34 24.69
C VAL A 262 -2.99 16.92 25.98
N PHE A 263 -4.10 16.20 25.86
CA PHE A 263 -4.89 15.75 26.99
C PHE A 263 -4.60 14.29 27.23
N VAL A 264 -3.89 13.97 28.32
CA VAL A 264 -3.44 12.60 28.60
C VAL A 264 -4.28 12.00 29.74
N PRO A 265 -4.98 10.86 29.53
CA PRO A 265 -5.74 10.27 30.64
C PRO A 265 -4.78 9.72 31.70
N VAL A 266 -5.07 9.99 32.97
CA VAL A 266 -4.23 9.50 34.09
C VAL A 266 -5.11 8.74 35.08
N ASN A 267 -4.63 7.61 35.60
CA ASN A 267 -5.46 6.94 36.62
C ASN A 267 -4.61 6.37 37.77
N GLY A 268 -3.40 6.90 37.91
CA GLY A 268 -2.52 6.60 39.02
C GLY A 268 -1.61 5.40 38.91
N PRO A 269 -0.63 5.29 39.84
CA PRO A 269 -0.31 6.24 40.93
C PRO A 269 0.35 7.52 40.41
N ALA A 270 0.31 8.59 41.21
CA ALA A 270 0.81 9.93 40.84
C ALA A 270 2.21 9.92 40.17
N SER A 271 3.18 9.20 40.76
CA SER A 271 4.55 9.12 40.24
C SER A 271 4.60 8.49 38.83
N VAL A 272 3.78 7.44 38.59
CA VAL A 272 3.73 6.76 37.28
C VAL A 272 3.03 7.67 36.24
N ASP A 273 1.97 8.39 36.67
CA ASP A 273 1.28 9.37 35.82
C ASP A 273 2.24 10.47 35.41
N ASN A 274 2.96 11.04 36.40
CA ASN A 274 3.92 12.13 36.16
C ASN A 274 5.05 11.66 35.26
N ASP A 275 5.49 10.38 35.37
CA ASP A 275 6.52 9.87 34.46
C ASP A 275 6.00 9.90 33.03
N ALA A 276 4.74 9.46 32.80
CA ALA A 276 4.14 9.42 31.46
C ALA A 276 3.97 10.85 30.91
N LEU A 277 3.49 11.79 31.75
CA LEU A 277 3.35 13.19 31.33
C LEU A 277 4.71 13.78 30.94
N ASN A 278 5.79 13.39 31.63
CA ASN A 278 7.14 13.88 31.34
C ASN A 278 7.66 13.34 30.02
N VAL A 279 7.18 12.13 29.62
CA VAL A 279 7.56 11.58 28.30
C VAL A 279 6.97 12.51 27.23
N TYR A 280 5.68 12.85 27.33
CA TYR A 280 5.01 13.74 26.38
C TYR A 280 5.69 15.12 26.34
N LYS A 281 6.04 15.69 27.53
CA LYS A 281 6.73 17.00 27.62
C LYS A 281 8.08 16.97 26.90
N THR A 282 8.87 15.91 27.08
CA THR A 282 10.14 15.77 26.39
C THR A 282 9.95 15.59 24.88
N ALA A 283 8.97 14.77 24.49
CA ALA A 283 8.71 14.49 23.08
C ALA A 283 8.11 15.67 22.31
N MET A 284 7.33 16.49 23.00
CA MET A 284 6.56 17.55 22.36
C MET A 284 6.84 18.96 22.95
N PRO A 285 8.09 19.47 22.80
CA PRO A 285 8.39 20.81 23.32
C PRO A 285 7.44 21.86 22.72
N GLY A 286 6.98 22.78 23.57
CA GLY A 286 6.05 23.82 23.14
C GLY A 286 4.58 23.50 23.38
N TYR A 287 4.27 22.19 23.54
CA TYR A 287 2.89 21.80 23.81
C TYR A 287 2.55 21.86 25.29
N GLU A 288 1.29 22.17 25.57
CA GLU A 288 0.79 22.14 26.95
C GLU A 288 0.29 20.73 27.19
N ILE A 289 0.97 19.98 28.08
CA ILE A 289 0.61 18.60 28.41
C ILE A 289 -0.26 18.59 29.65
N ILE A 290 -1.50 18.04 29.52
CA ILE A 290 -2.46 18.09 30.61
C ILE A 290 -2.90 16.69 31.01
N GLY A 291 -2.71 16.35 32.28
CA GLY A 291 -3.15 15.08 32.84
C GLY A 291 -4.62 15.19 33.18
N VAL A 292 -5.44 14.24 32.71
CA VAL A 292 -6.89 14.32 32.95
C VAL A 292 -7.40 13.10 33.73
N LYS A 293 -7.94 13.37 34.93
CA LYS A 293 -8.53 12.36 35.81
C LYS A 293 -9.84 11.90 35.16
N GLY A 294 -10.18 10.63 35.32
CA GLY A 294 -11.41 10.08 34.76
C GLY A 294 -12.65 10.41 35.56
N ALA A 295 -13.82 10.26 34.92
CA ALA A 295 -15.12 10.42 35.59
C ALA A 295 -15.35 9.15 36.40
N SER A 296 -15.87 9.25 37.63
CA SER A 296 -16.05 8.07 38.47
C SER A 296 -17.03 7.05 37.88
N GLY A 297 -18.07 7.52 37.21
CA GLY A 297 -19.08 6.63 36.63
C GLY A 297 -18.64 5.91 35.36
N THR A 298 -17.68 6.51 34.63
CA THR A 298 -17.20 5.96 33.37
C THR A 298 -15.67 6.09 33.38
N PRO A 299 -14.98 5.32 34.24
CA PRO A 299 -13.53 5.49 34.34
C PRO A 299 -12.77 5.16 33.08
N TRP A 300 -11.53 5.67 33.00
CA TRP A 300 -10.64 5.30 31.90
C TRP A 300 -10.29 3.82 32.03
N LEU A 301 -10.20 3.12 30.91
CA LEU A 301 -9.85 1.68 30.88
C LEU A 301 -8.68 1.54 29.95
N GLY A 302 -7.97 0.42 30.03
CA GLY A 302 -6.84 0.18 29.14
C GLY A 302 -7.24 0.09 27.68
N THR A 303 -8.50 -0.33 27.42
CA THR A 303 -9.05 -0.48 26.08
C THR A 303 -9.98 0.70 25.69
N ASP A 304 -10.05 1.75 26.55
CA ASP A 304 -11.02 2.81 26.34
C ASP A 304 -10.77 3.99 27.28
N ALA A 305 -10.14 5.06 26.74
CA ALA A 305 -9.92 6.22 27.53
C ALA A 305 -10.24 7.51 26.74
N LEU A 306 -9.50 8.57 26.99
CA LEU A 306 -9.82 9.90 26.51
C LEU A 306 -9.85 10.03 24.97
N HIS A 307 -8.83 9.51 24.24
CA HIS A 307 -8.85 9.57 22.78
C HIS A 307 -10.09 8.87 22.23
N CYS A 308 -10.50 7.76 22.89
CA CYS A 308 -11.63 6.93 22.45
C CYS A 308 -12.98 7.64 22.54
N ARG A 309 -13.05 8.74 23.34
CA ARG A 309 -14.32 9.42 23.59
C ARG A 309 -14.33 10.87 23.06
N THR A 310 -13.44 11.18 22.13
CA THR A 310 -13.29 12.50 21.53
C THR A 310 -12.95 12.31 20.07
N HIS A 311 -13.22 13.34 19.24
CA HIS A 311 -12.72 13.29 17.88
C HIS A 311 -12.48 14.73 17.42
N GLU A 312 -11.27 15.00 17.00
CA GLU A 312 -10.91 16.35 16.50
C GLU A 312 -11.64 16.62 15.18
N VAL A 313 -11.93 17.90 14.90
CA VAL A 313 -12.63 18.30 13.69
C VAL A 313 -11.70 19.23 12.92
N ALA A 314 -11.35 18.88 11.68
CA ALA A 314 -10.45 19.73 10.90
C ALA A 314 -11.06 21.10 10.58
N ASP A 315 -10.19 22.05 10.24
CA ASP A 315 -10.62 23.37 9.83
C ASP A 315 -11.04 23.33 8.37
N LYS A 316 -12.34 23.56 8.09
CA LYS A 316 -12.84 23.53 6.70
C LYS A 316 -12.17 24.63 5.82
N GLY A 317 -11.64 25.68 6.45
CA GLY A 317 -10.92 26.78 5.78
C GLY A 317 -9.43 26.73 6.00
N TYR A 318 -8.89 25.55 6.33
CA TYR A 318 -7.50 25.28 6.69
C TYR A 318 -6.48 25.99 5.78
N LEU A 319 -5.51 26.71 6.40
CA LEU A 319 -4.36 27.28 5.74
C LEU A 319 -3.30 26.18 5.87
N TYR A 320 -3.08 25.44 4.80
CA TYR A 320 -2.24 24.25 4.84
C TYR A 320 -0.86 24.48 4.28
N ILE A 321 0.16 24.18 5.10
CA ILE A 321 1.56 24.25 4.69
C ILE A 321 2.06 22.83 4.45
N LYS A 322 2.49 22.55 3.20
CA LYS A 322 3.07 21.26 2.80
C LYS A 322 4.56 21.45 2.70
N HIS A 323 5.32 20.76 3.54
CA HIS A 323 6.77 20.93 3.59
C HIS A 323 7.50 19.64 3.99
N TYR A 324 8.54 19.33 3.22
CA TYR A 324 9.50 18.24 3.47
C TYR A 324 10.78 18.91 3.92
N PRO A 325 11.11 18.84 5.21
CA PRO A 325 12.25 19.62 5.71
C PRO A 325 13.61 19.11 5.33
N ILE A 326 14.61 20.01 5.49
CA ILE A 326 16.00 19.65 5.31
C ILE A 326 16.54 19.45 6.75
N LEU A 327 16.99 18.21 7.04
CA LEU A 327 17.38 17.80 8.40
C LEU A 327 18.75 17.18 8.43
N GLY A 328 19.37 17.22 9.61
CA GLY A 328 20.67 16.61 9.87
C GLY A 328 21.79 17.15 9.02
N GLU A 329 22.73 16.28 8.62
CA GLU A 329 23.91 16.66 7.85
C GLU A 329 23.54 16.95 6.40
N GLN A 330 23.68 18.21 5.99
CA GLN A 330 23.38 18.67 4.64
C GLN A 330 24.67 18.94 3.90
N ALA A 331 24.92 18.16 2.83
CA ALA A 331 26.12 18.24 2.00
C ALA A 331 26.28 19.60 1.28
N GLY A 332 25.16 20.23 0.94
CA GLY A 332 25.18 21.49 0.20
C GLY A 332 25.56 21.26 -1.25
N PRO A 333 26.15 22.26 -1.97
CA PRO A 333 26.54 23.61 -1.52
C PRO A 333 25.35 24.54 -1.26
N ASP A 334 24.17 24.21 -1.81
CA ASP A 334 22.94 24.96 -1.65
C ASP A 334 22.10 24.37 -0.53
N TYR A 335 21.42 25.25 0.22
CA TYR A 335 20.51 24.89 1.32
C TYR A 335 19.19 25.55 1.03
N LYS A 336 18.39 24.86 0.22
CA LYS A 336 17.10 25.30 -0.32
C LYS A 336 15.97 24.54 0.27
N ILE A 337 14.94 25.29 0.69
CA ILE A 337 13.68 24.76 1.20
C ILE A 337 12.56 25.18 0.27
N GLU A 338 11.50 24.37 0.24
CA GLU A 338 10.30 24.64 -0.56
C GLU A 338 9.09 24.29 0.23
N ALA A 339 8.06 25.10 0.11
CA ALA A 339 6.80 24.80 0.79
C ALA A 339 5.65 25.14 -0.14
N ASP A 340 4.60 24.33 -0.14
CA ASP A 340 3.39 24.62 -0.87
C ASP A 340 2.40 25.11 0.15
N VAL A 341 1.75 26.25 -0.11
CA VAL A 341 0.79 26.80 0.85
C VAL A 341 -0.51 27.02 0.10
N VAL A 342 -1.59 26.39 0.60
CA VAL A 342 -2.91 26.56 0.01
C VAL A 342 -3.87 27.00 1.11
N SER A 343 -4.86 27.79 0.74
CA SER A 343 -5.88 28.26 1.68
C SER A 343 -7.20 27.57 1.32
N CYS A 344 -7.72 26.71 2.20
CA CYS A 344 -9.01 26.09 1.91
C CYS A 344 -10.13 27.11 2.15
N ALA A 345 -9.80 28.25 2.76
CA ALA A 345 -10.74 29.35 2.95
C ALA A 345 -10.81 30.25 1.67
N ASN A 346 -9.98 29.93 0.64
CA ASN A 346 -9.85 30.75 -0.58
C ASN A 346 -9.54 32.22 -0.18
N ALA A 347 -8.71 32.36 0.89
CA ALA A 347 -8.24 33.64 1.44
C ALA A 347 -6.91 34.01 0.78
N THR A 348 -6.61 35.32 0.70
CA THR A 348 -5.35 35.78 0.10
C THR A 348 -4.22 35.49 1.08
N ILE A 349 -3.19 34.77 0.61
CA ILE A 349 -2.09 34.38 1.48
C ILE A 349 -0.99 35.43 1.46
N SER A 350 -0.64 35.91 2.66
CA SER A 350 0.46 36.86 2.87
C SER A 350 0.60 37.19 4.32
N PRO A 351 1.86 37.19 4.84
CA PRO A 351 3.10 36.79 4.19
C PRO A 351 3.42 35.29 4.35
N VAL A 352 4.40 34.78 3.57
CA VAL A 352 4.95 33.40 3.71
C VAL A 352 6.42 33.60 4.07
N GLN A 353 6.79 33.17 5.27
CA GLN A 353 8.14 33.45 5.76
C GLN A 353 8.89 32.23 6.27
N CYS A 354 10.21 32.35 6.27
CA CYS A 354 11.10 31.40 6.90
C CYS A 354 11.70 32.08 8.12
N TYR A 355 11.44 31.53 9.32
CA TYR A 355 12.04 32.01 10.56
C TYR A 355 13.22 31.14 10.83
N TYR A 356 14.41 31.73 11.09
CA TYR A 356 15.59 30.89 11.23
C TYR A 356 16.55 31.46 12.28
N ARG A 357 17.44 30.60 12.79
CA ARG A 357 18.46 30.96 13.76
C ARG A 357 19.71 30.18 13.43
N ILE A 358 20.87 30.84 13.47
CA ILE A 358 22.16 30.23 13.15
C ILE A 358 22.97 30.05 14.43
N ASN A 359 23.52 28.82 14.65
CA ASN A 359 24.36 28.43 15.78
C ASN A 359 23.68 28.72 17.13
N GLY A 360 22.36 28.56 17.15
CA GLY A 360 21.50 28.79 18.30
C GLY A 360 21.63 30.13 18.98
N SER A 361 22.20 31.14 18.28
CA SER A 361 22.55 32.44 18.84
C SER A 361 21.52 33.53 18.57
N GLY A 362 21.23 34.30 19.62
CA GLY A 362 20.22 35.36 19.57
C GLY A 362 18.80 34.88 19.32
N SER A 363 18.02 35.71 18.62
CA SER A 363 16.62 35.47 18.31
C SER A 363 16.43 34.93 16.90
N PHE A 364 15.23 34.35 16.61
CA PHE A 364 14.90 33.89 15.27
C PHE A 364 14.67 35.11 14.40
N LYS A 365 15.23 35.07 13.19
CA LYS A 365 15.09 36.15 12.20
C LYS A 365 14.07 35.73 11.14
N ALA A 366 13.29 36.67 10.62
CA ALA A 366 12.32 36.34 9.58
C ALA A 366 12.82 36.76 8.21
N ALA A 367 12.58 35.91 7.21
CA ALA A 367 12.91 36.19 5.81
C ALA A 367 11.73 35.81 4.93
N ASP A 368 11.40 36.64 3.94
CA ASP A 368 10.28 36.31 3.08
C ASP A 368 10.63 35.18 2.10
N MET A 369 9.72 34.22 1.94
CA MET A 369 9.94 33.17 0.96
C MET A 369 9.51 33.72 -0.42
N THR A 370 10.12 33.23 -1.49
CA THR A 370 9.79 33.65 -2.83
C THR A 370 8.64 32.80 -3.39
N MET A 371 7.57 33.44 -3.89
CA MET A 371 6.53 32.68 -4.57
C MET A 371 6.98 32.48 -6.04
N GLU A 372 7.42 31.25 -6.38
CA GLU A 372 7.93 30.90 -7.72
C GLU A 372 6.78 30.64 -8.71
N SER A 373 5.69 30.05 -8.22
CA SER A 373 4.46 29.76 -8.97
C SER A 373 3.31 29.77 -7.95
N THR A 374 2.05 29.86 -8.39
CA THR A 374 0.93 29.92 -7.44
CA THR A 374 0.92 29.90 -7.45
C THR A 374 1.04 28.79 -6.38
N GLY A 375 0.99 29.18 -5.11
CA GLY A 375 1.05 28.23 -3.99
C GLY A 375 2.41 27.60 -3.71
N HIS A 376 3.45 27.88 -4.52
CA HIS A 376 4.76 27.26 -4.34
C HIS A 376 5.81 28.31 -3.92
N TYR A 377 6.37 28.14 -2.72
CA TYR A 377 7.30 29.10 -2.12
C TYR A 377 8.65 28.47 -1.86
N THR A 378 9.70 29.26 -2.02
CA THR A 378 11.05 28.78 -1.84
C THR A 378 11.89 29.75 -1.01
N TYR A 379 12.97 29.23 -0.44
CA TYR A 379 13.93 30.04 0.29
C TYR A 379 15.27 29.36 0.27
N SER A 380 16.35 30.14 0.02
CA SER A 380 17.71 29.62 0.07
C SER A 380 18.48 30.28 1.21
N PHE A 381 19.11 29.46 2.06
CA PHE A 381 19.96 29.93 3.15
C PHE A 381 21.29 30.34 2.53
N THR A 382 21.67 31.61 2.65
CA THR A 382 22.91 32.12 2.05
C THR A 382 23.90 32.54 3.12
N GLY A 383 25.18 32.55 2.76
CA GLY A 383 26.27 32.98 3.65
C GLY A 383 26.58 32.03 4.79
N LEU A 384 26.13 30.76 4.68
CA LEU A 384 26.36 29.75 5.71
C LEU A 384 27.74 29.11 5.51
N ASN A 385 28.44 28.88 6.63
CA ASN A 385 29.79 28.33 6.66
C ASN A 385 29.77 26.87 7.11
N LYS A 386 30.88 26.13 6.87
CA LYS A 386 31.00 24.74 7.30
C LYS A 386 30.80 24.63 8.81
N ASN A 387 29.98 23.64 9.24
CA ASN A 387 29.62 23.31 10.63
C ASN A 387 28.57 24.26 11.23
N ASP A 388 28.06 25.26 10.46
CA ASP A 388 26.97 26.11 10.97
C ASP A 388 25.75 25.23 11.20
N LYS A 389 25.06 25.43 12.34
CA LYS A 389 23.84 24.71 12.68
C LYS A 389 22.70 25.67 12.46
N VAL A 390 21.66 25.21 11.76
CA VAL A 390 20.49 26.03 11.46
C VAL A 390 19.26 25.47 12.12
N GLU A 391 18.46 26.35 12.70
CA GLU A 391 17.13 26.09 13.21
C GLU A 391 16.16 26.86 12.34
N TYR A 392 15.08 26.24 11.86
CA TYR A 392 14.14 27.03 11.06
C TYR A 392 12.74 26.46 11.14
N TYR A 393 11.76 27.31 10.84
CA TYR A 393 10.38 26.90 10.69
C TYR A 393 9.73 27.81 9.64
N ILE A 394 8.57 27.36 9.13
CA ILE A 394 7.83 28.11 8.10
C ILE A 394 6.69 28.82 8.78
N SER A 395 6.30 30.02 8.30
CA SER A 395 5.16 30.73 8.85
C SER A 395 4.32 31.28 7.68
N ALA A 396 3.00 31.15 7.76
CA ALA A 396 2.09 31.67 6.74
C ALA A 396 0.90 32.32 7.41
N ALA A 397 0.33 33.30 6.75
CA ALA A 397 -0.89 33.95 7.25
C ALA A 397 -1.78 34.30 6.07
N ASP A 398 -3.07 34.48 6.30
CA ASP A 398 -3.96 34.84 5.20
C ASP A 398 -4.92 35.93 5.65
N ASN A 399 -5.71 36.47 4.72
CA ASN A 399 -6.55 37.60 5.06
C ASN A 399 -7.86 37.20 5.77
N SER A 400 -8.03 35.88 6.14
CA SER A 400 -9.16 35.44 6.95
C SER A 400 -8.73 35.48 8.44
N GLY A 401 -7.49 35.88 8.70
CA GLY A 401 -6.96 35.95 10.06
C GLY A 401 -6.27 34.68 10.52
N ARG A 402 -6.15 33.67 9.63
CA ARG A 402 -5.48 32.41 9.96
C ARG A 402 -3.98 32.66 9.95
N LYS A 403 -3.30 31.99 10.88
CA LYS A 403 -1.85 32.09 11.09
C LYS A 403 -1.38 30.70 11.41
N GLU A 404 -0.52 30.15 10.56
CA GLU A 404 -0.02 28.79 10.75
C GLU A 404 1.49 28.71 10.61
N THR A 405 2.10 27.78 11.35
CA THR A 405 3.51 27.50 11.18
C THR A 405 3.71 26.02 10.80
N TYR A 406 4.86 25.73 10.25
CA TYR A 406 5.29 24.35 10.02
C TYR A 406 6.70 24.22 10.63
N PRO A 407 6.91 23.42 11.71
CA PRO A 407 5.95 22.53 12.37
C PRO A 407 4.82 23.32 13.01
N PHE A 408 3.71 22.63 13.28
CA PHE A 408 2.52 23.26 13.85
C PHE A 408 2.84 24.12 15.11
N ILE A 409 3.69 23.61 16.01
CA ILE A 409 4.01 24.32 17.25
C ILE A 409 4.97 25.52 17.01
N GLY A 410 5.68 25.50 15.88
CA GLY A 410 6.55 26.58 15.49
C GLY A 410 7.87 26.63 16.22
N GLU A 411 8.21 27.84 16.71
CA GLU A 411 9.50 28.18 17.33
C GLU A 411 9.99 27.22 18.42
N PRO A 412 9.16 26.67 19.34
CA PRO A 412 9.69 25.75 20.36
C PRO A 412 10.26 24.43 19.85
N ASP A 413 9.99 24.06 18.58
CA ASP A 413 10.47 22.78 18.02
C ASP A 413 10.83 22.94 16.53
N PRO A 414 11.90 23.69 16.22
CA PRO A 414 12.22 23.96 14.81
C PRO A 414 12.93 22.80 14.13
N PHE A 415 12.98 22.83 12.77
CA PHE A 415 13.76 21.88 12.00
C PHE A 415 15.19 22.24 12.18
N LYS A 416 16.06 21.23 12.28
CA LYS A 416 17.47 21.44 12.53
C LYS A 416 18.32 20.76 11.49
N PHE A 417 19.30 21.47 10.94
CA PHE A 417 20.26 20.88 10.01
C PHE A 417 21.63 21.52 10.24
N THR A 418 22.70 20.82 9.83
CA THR A 418 24.06 21.30 9.95
C THR A 418 24.62 21.39 8.54
N CYS A 419 25.38 22.47 8.27
CA CYS A 419 26.02 22.72 6.99
C CYS A 419 27.31 21.93 6.86
N MET A 420 27.42 21.13 5.79
CA MET A 420 28.63 20.34 5.51
C MET A 420 29.37 20.91 4.30
N ALA B 1 29.83 -4.11 -10.08
CA ALA B 1 29.27 -4.58 -8.81
C ALA B 1 27.85 -4.02 -8.58
N PHE B 2 27.12 -4.57 -7.59
CA PHE B 2 25.76 -4.11 -7.23
C PHE B 2 25.81 -2.66 -6.76
N GLN B 3 24.94 -1.83 -7.31
CA GLN B 3 24.87 -0.43 -6.94
C GLN B 3 23.51 -0.18 -6.34
N GLU B 4 23.47 0.18 -5.06
CA GLU B 4 22.19 0.50 -4.43
C GLU B 4 21.71 1.87 -4.95
N THR B 5 20.41 2.00 -5.18
CA THR B 5 19.85 3.28 -5.63
C THR B 5 18.67 3.57 -4.76
N ASN B 6 18.11 4.77 -4.90
CA ASN B 6 16.86 5.09 -4.28
C ASN B 6 15.79 4.24 -4.98
N PRO B 7 14.67 3.94 -4.32
CA PRO B 7 13.60 3.20 -5.00
C PRO B 7 12.91 4.04 -6.08
N PRO B 8 12.08 3.41 -6.95
CA PRO B 8 11.38 4.19 -7.98
C PRO B 8 10.34 5.11 -7.41
N ALA B 9 10.05 6.22 -8.12
CA ALA B 9 8.99 7.12 -7.71
C ALA B 9 7.65 6.38 -7.75
N GLY B 10 6.94 6.44 -6.65
CA GLY B 10 5.70 5.69 -6.48
C GLY B 10 4.47 6.29 -7.13
N PRO B 11 3.35 5.53 -7.16
CA PRO B 11 3.20 4.14 -6.65
C PRO B 11 3.97 3.16 -7.52
N VAL B 12 4.32 2.01 -6.96
CA VAL B 12 5.05 0.95 -7.68
C VAL B 12 4.14 -0.29 -7.74
N ARG B 13 4.23 -1.05 -8.85
CA ARG B 13 3.47 -2.27 -8.98
C ARG B 13 4.30 -3.28 -9.77
N ALA B 14 4.73 -4.37 -9.13
CA ALA B 14 5.47 -5.41 -9.85
C ALA B 14 4.56 -6.05 -10.92
N ILE B 15 5.15 -6.38 -12.08
CA ILE B 15 4.41 -6.95 -13.21
C ILE B 15 4.41 -8.49 -13.11
N ALA B 16 3.22 -9.11 -13.26
CA ALA B 16 3.10 -10.57 -13.19
C ALA B 16 3.55 -11.23 -14.48
N GLU B 17 3.89 -12.53 -14.41
CA GLU B 17 4.36 -13.30 -15.58
C GLU B 17 3.27 -13.46 -16.64
N TYR B 18 1.98 -13.39 -16.22
CA TYR B 18 0.85 -13.55 -17.13
C TYR B 18 0.33 -12.20 -17.67
N GLU B 19 1.10 -11.12 -17.45
CA GLU B 19 0.80 -9.85 -18.10
C GLU B 19 1.55 -9.85 -19.45
N ARG B 20 1.31 -8.84 -20.29
CA ARG B 20 1.98 -8.77 -21.59
C ARG B 20 3.48 -8.87 -21.49
N SER B 21 4.08 -9.68 -22.35
CA SER B 21 5.51 -9.81 -22.46
C SER B 21 5.92 -9.40 -23.85
N ALA B 22 6.95 -8.57 -23.95
CA ALA B 22 7.50 -8.12 -25.21
C ALA B 22 8.55 -9.07 -25.74
N ALA B 23 9.13 -9.90 -24.85
CA ALA B 23 10.21 -10.82 -25.22
C ALA B 23 10.42 -11.88 -24.15
N VAL B 24 11.33 -12.80 -24.43
CA VAL B 24 11.77 -13.82 -23.45
C VAL B 24 13.30 -13.85 -23.53
N LEU B 25 13.98 -13.88 -22.39
CA LEU B 25 15.44 -13.91 -22.30
C LEU B 25 15.97 -15.31 -22.07
N VAL B 26 16.92 -15.74 -22.92
CA VAL B 26 17.58 -17.05 -22.83
C VAL B 26 19.08 -16.80 -23.01
N ARG B 27 19.91 -17.79 -22.68
CA ARG B 27 21.34 -17.60 -22.73
C ARG B 27 22.05 -18.75 -23.45
N TYR B 28 23.13 -18.39 -24.15
CA TYR B 28 24.05 -19.31 -24.81
C TYR B 28 25.40 -19.22 -24.12
N PRO B 29 26.14 -20.34 -23.91
CA PRO B 29 25.78 -21.76 -24.14
C PRO B 29 24.43 -22.14 -23.49
N PHE B 30 23.63 -22.88 -24.28
CA PHE B 30 22.25 -23.21 -23.98
C PHE B 30 22.05 -24.27 -22.92
N GLY B 31 20.96 -24.09 -22.18
CA GLY B 31 20.46 -25.05 -21.22
C GLY B 31 19.08 -25.52 -21.66
N ILE B 32 18.63 -25.06 -22.84
CA ILE B 32 17.29 -25.39 -23.32
C ILE B 32 17.37 -26.02 -24.70
N PRO B 33 16.39 -26.86 -25.10
CA PRO B 33 16.47 -27.45 -26.45
C PRO B 33 16.16 -26.43 -27.52
N MET B 34 16.72 -26.65 -28.71
CA MET B 34 16.48 -25.79 -29.85
C MET B 34 15.00 -25.77 -30.24
N GLU B 35 14.29 -26.90 -30.05
CA GLU B 35 12.86 -26.96 -30.36
C GLU B 35 12.08 -25.91 -29.54
N LEU B 36 12.47 -25.71 -28.26
CA LEU B 36 11.83 -24.68 -27.41
C LEU B 36 12.07 -23.28 -28.00
N ILE B 37 13.32 -22.96 -28.39
CA ILE B 37 13.67 -21.66 -28.98
C ILE B 37 12.84 -21.45 -30.25
N LYS B 38 12.75 -22.49 -31.12
CA LYS B 38 11.95 -22.42 -32.36
C LYS B 38 10.47 -22.09 -32.02
N GLU B 39 9.88 -22.81 -31.06
CA GLU B 39 8.48 -22.58 -30.63
C GLU B 39 8.30 -21.17 -30.09
N LEU B 40 9.24 -20.69 -29.26
CA LEU B 40 9.15 -19.35 -28.70
C LEU B 40 9.19 -18.30 -29.80
N ALA B 41 10.17 -18.42 -30.72
CA ALA B 41 10.39 -17.43 -31.78
C ALA B 41 9.30 -17.38 -32.84
N LYS B 42 8.42 -18.38 -32.89
CA LYS B 42 7.34 -18.39 -33.87
C LYS B 42 6.37 -17.19 -33.65
N ASN B 43 6.11 -16.79 -32.38
CA ASN B 43 5.19 -15.71 -32.03
C ASN B 43 5.80 -14.60 -31.14
N ASP B 44 6.96 -14.83 -30.53
CA ASP B 44 7.51 -13.88 -29.59
C ASP B 44 8.94 -13.54 -29.89
N LYS B 45 9.38 -12.38 -29.39
CA LYS B 45 10.78 -11.98 -29.52
C LYS B 45 11.61 -12.79 -28.55
N VAL B 46 12.66 -13.43 -29.07
CA VAL B 46 13.59 -14.18 -28.23
C VAL B 46 14.86 -13.38 -28.16
N ILE B 47 15.25 -12.94 -26.97
CA ILE B 47 16.52 -12.24 -26.77
C ILE B 47 17.53 -13.25 -26.23
N THR B 48 18.57 -13.54 -27.00
CA THR B 48 19.60 -14.49 -26.57
C THR B 48 20.82 -13.71 -26.07
N ILE B 49 21.24 -14.04 -24.87
CA ILE B 49 22.45 -13.47 -24.28
C ILE B 49 23.63 -14.29 -24.79
N VAL B 50 24.64 -13.59 -25.35
CA VAL B 50 25.90 -14.16 -25.85
C VAL B 50 27.07 -13.34 -25.30
N ALA B 51 28.29 -13.89 -25.24
CA ALA B 51 29.39 -13.15 -24.63
C ALA B 51 30.12 -12.25 -25.61
N SER B 52 29.92 -12.49 -26.91
CA SER B 52 30.66 -11.80 -27.97
C SER B 52 29.95 -11.86 -29.29
N GLU B 53 30.44 -11.04 -30.25
CA GLU B 53 29.97 -11.03 -31.63
C GLU B 53 30.17 -12.41 -32.27
N SER B 54 31.31 -13.09 -31.96
CA SER B 54 31.59 -14.43 -32.51
C SER B 54 30.55 -15.44 -32.01
N GLN B 55 30.11 -15.33 -30.74
CA GLN B 55 29.10 -16.23 -30.19
C GLN B 55 27.76 -15.93 -30.83
N LYS B 56 27.44 -14.63 -31.06
CA LYS B 56 26.22 -14.20 -31.75
C LYS B 56 26.16 -14.89 -33.12
N ASN B 57 27.27 -14.87 -33.87
CA ASN B 57 27.34 -15.45 -35.21
C ASN B 57 27.15 -16.95 -35.15
N THR B 58 27.81 -17.62 -34.20
CA THR B 58 27.64 -19.06 -33.97
C THR B 58 26.14 -19.39 -33.69
N VAL B 59 25.46 -18.59 -32.83
CA VAL B 59 24.06 -18.83 -32.49
C VAL B 59 23.16 -18.61 -33.73
N ILE B 60 23.39 -17.54 -34.51
CA ILE B 60 22.60 -17.30 -35.73
C ILE B 60 22.73 -18.49 -36.69
N THR B 61 23.94 -19.05 -36.83
CA THR B 61 24.12 -20.22 -37.68
C THR B 61 23.23 -21.40 -37.19
N GLN B 62 23.26 -21.68 -35.89
CA GLN B 62 22.48 -22.75 -35.24
C GLN B 62 20.99 -22.49 -35.41
N TYR B 63 20.54 -21.22 -35.21
CA TYR B 63 19.15 -20.88 -35.38
C TYR B 63 18.70 -21.04 -36.83
N THR B 64 19.50 -20.57 -37.81
CA THR B 64 19.22 -20.71 -39.25
C THR B 64 19.07 -22.20 -39.60
N GLN B 65 20.01 -23.05 -39.13
CA GLN B 65 20.01 -24.49 -39.45
C GLN B 65 18.81 -25.23 -38.87
N SER B 66 18.30 -24.77 -37.72
CA SER B 66 17.19 -25.39 -37.02
C SER B 66 15.82 -24.82 -37.41
N GLY B 67 15.81 -23.87 -38.34
CA GLY B 67 14.58 -23.25 -38.84
C GLY B 67 13.93 -22.31 -37.85
N VAL B 68 14.73 -21.70 -36.95
CA VAL B 68 14.20 -20.72 -35.99
C VAL B 68 13.85 -19.44 -36.77
N ASN B 69 12.74 -18.77 -36.38
CA ASN B 69 12.29 -17.55 -37.02
C ASN B 69 13.25 -16.39 -36.65
N LEU B 70 14.28 -16.18 -37.49
CA LEU B 70 15.30 -15.15 -37.24
C LEU B 70 14.76 -13.73 -37.14
N SER B 71 13.59 -13.46 -37.74
CA SER B 71 12.96 -12.14 -37.71
C SER B 71 12.49 -11.81 -36.29
N ASN B 72 12.45 -12.83 -35.38
CA ASN B 72 12.07 -12.61 -33.99
C ASN B 72 13.23 -12.84 -33.02
N CYS B 73 14.46 -12.94 -33.54
CA CYS B 73 15.65 -13.16 -32.72
C CYS B 73 16.47 -11.89 -32.55
N ASP B 74 16.67 -11.51 -31.30
CA ASP B 74 17.50 -10.38 -30.88
C ASP B 74 18.62 -10.88 -29.98
N PHE B 75 19.66 -10.07 -29.80
CA PHE B 75 20.82 -10.49 -29.01
C PHE B 75 21.29 -9.41 -28.08
N ILE B 76 21.78 -9.82 -26.92
CA ILE B 76 22.46 -8.95 -25.94
C ILE B 76 23.84 -9.53 -25.77
N ILE B 77 24.85 -8.71 -25.90
CA ILE B 77 26.24 -9.15 -25.73
C ILE B 77 26.65 -8.76 -24.33
N ALA B 78 26.85 -9.77 -23.47
CA ALA B 78 27.30 -9.58 -22.09
C ALA B 78 27.80 -10.87 -21.56
N LYS B 79 28.85 -10.84 -20.74
CA LYS B 79 29.34 -12.07 -20.11
C LYS B 79 28.32 -12.56 -19.07
N THR B 80 28.09 -13.88 -19.06
CA THR B 80 27.25 -14.54 -18.06
C THR B 80 27.98 -15.79 -17.60
N ASP B 81 27.68 -16.20 -16.38
CA ASP B 81 28.25 -17.43 -15.83
C ASP B 81 27.35 -18.65 -16.04
N SER B 82 26.04 -18.43 -16.22
CA SER B 82 25.09 -19.54 -16.33
C SER B 82 23.90 -19.25 -17.26
N TYR B 83 23.07 -20.30 -17.52
CA TYR B 83 21.88 -20.16 -18.36
C TYR B 83 20.60 -19.98 -17.52
N TRP B 84 20.73 -19.75 -16.22
CA TRP B 84 19.56 -19.57 -15.35
C TRP B 84 19.10 -18.11 -15.36
N THR B 85 18.69 -17.63 -16.55
CA THR B 85 18.23 -16.24 -16.73
C THR B 85 17.06 -15.93 -15.80
N ARG B 86 16.28 -16.96 -15.40
CA ARG B 86 15.18 -16.74 -14.44
C ARG B 86 15.68 -16.11 -13.16
N ASP B 87 16.89 -16.46 -12.74
CA ASP B 87 17.36 -16.17 -11.39
C ASP B 87 18.16 -14.90 -11.22
N TYR B 88 18.92 -14.50 -12.22
CA TYR B 88 19.77 -13.34 -12.11
C TYR B 88 19.36 -12.12 -12.95
N THR B 89 18.42 -12.27 -13.91
CA THR B 89 18.01 -11.12 -14.73
C THR B 89 17.09 -10.21 -13.88
N GLY B 90 16.90 -8.97 -14.30
CA GLY B 90 16.13 -8.04 -13.49
C GLY B 90 14.63 -8.32 -13.43
N TRP B 91 13.97 -7.75 -12.42
CA TRP B 91 12.54 -7.87 -12.22
C TRP B 91 11.83 -6.64 -12.72
N PHE B 92 10.66 -6.82 -13.34
CA PHE B 92 9.94 -5.69 -13.91
C PHE B 92 8.85 -5.16 -13.02
N ALA B 93 8.76 -3.82 -13.01
CA ALA B 93 7.75 -3.14 -12.23
C ALA B 93 7.34 -1.84 -12.88
N MET B 94 6.07 -1.49 -12.72
CA MET B 94 5.59 -0.21 -13.19
C MET B 94 5.77 0.78 -12.05
N TYR B 95 6.07 2.03 -12.39
CA TYR B 95 6.24 3.07 -11.37
C TYR B 95 5.87 4.41 -11.99
N ASP B 96 5.70 5.45 -11.15
CA ASP B 96 5.44 6.82 -11.60
C ASP B 96 4.30 6.89 -12.64
N THR B 97 3.19 6.16 -12.33
CA THR B 97 1.92 6.03 -13.05
C THR B 97 2.03 5.21 -14.33
N ASN B 98 2.96 5.57 -15.22
CA ASN B 98 3.02 4.90 -16.51
C ASN B 98 4.47 4.69 -17.02
N LYS B 99 5.33 4.19 -16.16
CA LYS B 99 6.71 3.84 -16.59
C LYS B 99 6.99 2.43 -16.21
N VAL B 100 7.81 1.76 -17.03
CA VAL B 100 8.28 0.39 -16.77
C VAL B 100 9.74 0.48 -16.36
N GLY B 101 10.09 -0.12 -15.21
CA GLY B 101 11.47 -0.11 -14.72
C GLY B 101 11.99 -1.50 -14.42
N LEU B 102 13.31 -1.59 -14.25
CA LEU B 102 13.96 -2.86 -13.91
C LEU B 102 14.51 -2.77 -12.52
N VAL B 103 14.33 -3.84 -11.72
CA VAL B 103 14.87 -3.89 -10.38
C VAL B 103 15.99 -4.91 -10.35
N ASP B 104 17.18 -4.43 -9.98
CA ASP B 104 18.38 -5.21 -9.75
C ASP B 104 18.43 -5.61 -8.27
N PHE B 105 19.16 -6.65 -7.97
CA PHE B 105 19.29 -7.18 -6.61
C PHE B 105 20.62 -7.91 -6.53
N ILE B 106 20.94 -8.40 -5.34
CA ILE B 106 22.17 -9.18 -5.14
C ILE B 106 21.81 -10.62 -5.43
N TYR B 107 22.32 -11.15 -6.56
CA TYR B 107 22.04 -12.53 -6.93
C TYR B 107 22.59 -13.47 -5.83
N ASN B 108 21.77 -14.42 -5.37
CA ASN B 108 22.16 -15.27 -4.22
C ASN B 108 23.16 -16.41 -4.55
N ARG B 109 23.90 -16.29 -5.67
CA ARG B 109 24.89 -17.27 -6.10
C ARG B 109 26.21 -16.56 -6.35
N PRO B 110 27.35 -17.27 -6.20
CA PRO B 110 28.66 -16.63 -6.44
C PRO B 110 28.95 -16.62 -7.96
N ARG B 111 28.19 -15.80 -8.70
CA ARG B 111 28.27 -15.70 -10.17
C ARG B 111 28.34 -14.21 -10.53
N PRO B 112 29.53 -13.60 -10.48
CA PRO B 112 29.61 -12.13 -10.65
C PRO B 112 29.16 -11.62 -12.01
N ASN B 113 29.30 -12.40 -13.09
CA ASN B 113 28.87 -11.93 -14.42
C ASN B 113 27.35 -11.96 -14.48
N ASP B 114 26.75 -13.05 -13.98
CA ASP B 114 25.30 -13.15 -13.91
C ASP B 114 24.72 -12.01 -13.06
N ASP B 115 25.36 -11.74 -11.90
CA ASP B 115 24.91 -10.71 -10.94
C ASP B 115 24.90 -9.31 -11.60
N GLU B 116 25.87 -9.08 -12.49
CA GLU B 116 26.05 -7.78 -13.15
C GLU B 116 25.10 -7.59 -14.35
N PHE B 117 24.55 -8.71 -14.90
CA PHE B 117 23.76 -8.68 -16.13
C PHE B 117 22.59 -7.67 -16.13
N PRO B 118 21.77 -7.49 -15.05
CA PRO B 118 20.67 -6.52 -15.15
C PRO B 118 21.08 -5.13 -15.68
N LYS B 119 22.28 -4.65 -15.35
CA LYS B 119 22.73 -3.33 -15.83
C LYS B 119 22.72 -3.30 -17.36
N TYR B 120 23.20 -4.39 -18.01
CA TYR B 120 23.23 -4.48 -19.47
C TYR B 120 21.84 -4.68 -20.04
N GLU B 121 20.96 -5.38 -19.30
CA GLU B 121 19.58 -5.59 -19.71
C GLU B 121 18.82 -4.24 -19.75
N ALA B 122 18.93 -3.43 -18.66
CA ALA B 122 18.27 -2.11 -18.61
C ALA B 122 18.76 -1.21 -19.72
N GLN B 123 20.07 -1.17 -19.95
CA GLN B 123 20.66 -0.37 -21.04
C GLN B 123 20.14 -0.84 -22.40
N TYR B 124 20.04 -2.17 -22.58
CA TYR B 124 19.57 -2.72 -23.85
C TYR B 124 18.13 -2.31 -24.13
N LEU B 125 17.28 -2.36 -23.11
CA LEU B 125 15.86 -2.06 -23.25
C LEU B 125 15.51 -0.56 -23.22
N GLY B 126 16.40 0.27 -22.70
CA GLY B 126 16.18 1.71 -22.63
C GLY B 126 15.30 2.13 -21.47
N ILE B 127 15.32 1.32 -20.39
CA ILE B 127 14.51 1.64 -19.20
C ILE B 127 15.44 1.92 -17.99
N GLU B 128 14.90 2.57 -16.96
CA GLU B 128 15.69 2.84 -15.77
C GLU B 128 15.79 1.61 -14.88
N MET B 129 16.91 1.51 -14.14
CA MET B 129 17.14 0.40 -13.24
C MET B 129 17.29 0.92 -11.81
N PHE B 130 16.70 0.21 -10.86
CA PHE B 130 16.73 0.54 -9.44
C PHE B 130 17.42 -0.60 -8.68
N GLY B 131 18.30 -0.23 -7.74
CA GLY B 131 19.11 -1.18 -6.97
C GLY B 131 18.53 -1.53 -5.62
N MET B 132 17.84 -2.69 -5.53
CA MET B 132 17.25 -3.14 -4.27
C MET B 132 18.27 -3.98 -3.51
N LYS B 133 18.74 -3.47 -2.35
CA LYS B 133 19.80 -4.14 -1.60
C LYS B 133 19.26 -5.32 -0.78
N LEU B 134 18.91 -6.40 -1.49
CA LEU B 134 18.46 -7.68 -0.92
C LEU B 134 19.11 -8.78 -1.69
N LYS B 135 19.46 -9.85 -0.99
CA LYS B 135 19.99 -11.05 -1.65
C LYS B 135 18.76 -11.80 -2.14
N GLN B 136 18.65 -11.97 -3.46
CA GLN B 136 17.46 -12.55 -4.07
C GLN B 136 17.78 -13.44 -5.24
N THR B 137 16.73 -14.08 -5.77
CA THR B 137 16.82 -14.95 -6.96
C THR B 137 15.44 -15.01 -7.59
N GLY B 138 15.32 -14.80 -8.89
CA GLY B 138 14.02 -14.79 -9.57
C GLY B 138 13.25 -16.10 -9.48
N GLY B 139 13.97 -17.22 -9.35
CA GLY B 139 13.31 -18.52 -9.23
C GLY B 139 12.48 -18.62 -7.97
N ASN B 140 12.87 -17.84 -6.95
CA ASN B 140 12.19 -17.82 -5.66
C ASN B 140 11.23 -16.65 -5.53
N TYR B 141 10.76 -16.12 -6.65
CA TYR B 141 9.87 -14.96 -6.64
C TYR B 141 8.77 -15.11 -7.66
N MET B 142 7.55 -14.74 -7.23
CA MET B 142 6.42 -14.61 -8.15
C MET B 142 5.47 -13.60 -7.60
N THR B 143 4.89 -12.78 -8.49
CA THR B 143 3.92 -11.78 -8.05
C THR B 143 2.56 -11.97 -8.78
N ASP B 144 1.46 -11.55 -8.14
CA ASP B 144 0.15 -11.67 -8.76
C ASP B 144 -0.19 -10.43 -9.60
N GLY B 145 0.65 -9.38 -9.55
CA GLY B 145 0.42 -8.13 -10.28
C GLY B 145 -0.47 -7.16 -9.53
N TYR B 146 -0.85 -7.52 -8.32
CA TYR B 146 -1.71 -6.74 -7.42
C TYR B 146 -1.00 -6.55 -6.06
N GLY B 147 0.34 -6.51 -6.09
CA GLY B 147 1.14 -6.25 -4.90
C GLY B 147 1.36 -7.42 -3.97
N SER B 148 1.00 -8.65 -4.38
CA SER B 148 1.33 -9.82 -3.56
C SER B 148 2.50 -10.58 -4.19
N ALA B 149 3.38 -11.11 -3.34
CA ALA B 149 4.51 -11.91 -3.83
C ALA B 149 4.73 -13.07 -2.91
N VAL B 150 4.98 -14.24 -3.48
CA VAL B 150 5.24 -15.47 -2.72
C VAL B 150 6.70 -15.78 -2.89
N GLN B 151 7.38 -16.11 -1.77
CA GLN B 151 8.79 -16.50 -1.76
C GLN B 151 9.04 -17.55 -0.70
N SER B 152 10.04 -18.43 -0.90
CA SER B 152 10.35 -19.33 0.20
C SER B 152 11.17 -18.55 1.25
N HIS B 153 11.36 -19.18 2.43
CA HIS B 153 12.01 -18.63 3.60
C HIS B 153 13.41 -18.08 3.35
N ILE B 154 14.12 -18.54 2.25
CA ILE B 154 15.45 -18.01 2.01
C ILE B 154 15.39 -16.48 1.75
N ALA B 155 14.21 -15.92 1.41
CA ALA B 155 14.12 -14.45 1.22
C ALA B 155 14.46 -13.75 2.58
N TYR B 156 14.18 -14.43 3.71
CA TYR B 156 14.56 -13.93 5.03
C TYR B 156 15.92 -14.44 5.50
N THR B 157 16.18 -15.78 5.41
CA THR B 157 17.41 -16.35 5.97
C THR B 157 18.66 -15.91 5.20
N GLU B 158 18.55 -15.54 3.90
CA GLU B 158 19.71 -15.07 3.13
C GLU B 158 19.88 -13.54 3.27
N ASN B 159 19.03 -12.92 4.09
CA ASN B 159 19.03 -11.48 4.40
C ASN B 159 18.90 -11.35 5.90
N SER B 160 19.58 -12.25 6.64
CA SER B 160 19.46 -12.39 8.09
C SER B 160 19.99 -11.18 8.91
N SER B 161 20.72 -10.23 8.30
CA SER B 161 21.13 -9.02 9.02
C SER B 161 19.97 -8.01 9.09
N LEU B 162 18.91 -8.27 8.32
CA LEU B 162 17.69 -7.42 8.30
C LEU B 162 16.54 -8.14 8.97
N SER B 163 15.66 -7.39 9.65
CA SER B 163 14.48 -8.01 10.24
C SER B 163 13.54 -8.42 9.10
N GLN B 164 12.56 -9.28 9.38
CA GLN B 164 11.57 -9.64 8.36
C GLN B 164 10.85 -8.37 7.85
N ALA B 165 10.56 -7.42 8.75
CA ALA B 165 9.89 -6.17 8.39
C ALA B 165 10.74 -5.31 7.44
N GLN B 166 12.06 -5.26 7.65
CA GLN B 166 12.97 -4.50 6.79
C GLN B 166 13.00 -5.12 5.42
N VAL B 167 13.00 -6.49 5.36
CA VAL B 167 12.97 -7.21 4.08
C VAL B 167 11.63 -6.89 3.36
N ASN B 168 10.50 -6.99 4.09
CA ASN B 168 9.18 -6.66 3.54
C ASN B 168 9.13 -5.22 3.00
N GLN B 169 9.72 -4.26 3.73
CA GLN B 169 9.71 -2.85 3.34
C GLN B 169 10.53 -2.62 2.08
N LYS B 170 11.66 -3.33 1.93
CA LYS B 170 12.41 -3.21 0.68
C LYS B 170 11.56 -3.69 -0.50
N MET B 171 10.81 -4.79 -0.34
CA MET B 171 9.94 -5.30 -1.43
C MET B 171 8.84 -4.29 -1.76
N LYS B 172 8.27 -3.60 -0.73
CA LYS B 172 7.25 -2.58 -0.94
C LYS B 172 7.85 -1.38 -1.69
N ASP B 173 9.02 -0.90 -1.22
CA ASP B 173 9.65 0.26 -1.83
C ASP B 173 10.07 0.06 -3.27
N TYR B 174 10.69 -1.09 -3.62
CA TYR B 174 11.19 -1.28 -4.97
C TYR B 174 10.23 -1.96 -5.93
N LEU B 175 9.27 -2.74 -5.41
CA LEU B 175 8.36 -3.53 -6.25
C LEU B 175 6.88 -3.33 -5.94
N GLY B 176 6.57 -2.46 -5.02
CA GLY B 176 5.18 -2.23 -4.62
C GLY B 176 4.49 -3.43 -3.99
N ILE B 177 5.25 -4.33 -3.36
CA ILE B 177 4.66 -5.50 -2.71
C ILE B 177 4.09 -5.09 -1.38
N THR B 178 2.77 -5.18 -1.24
CA THR B 178 2.08 -4.81 0.01
C THR B 178 1.85 -6.08 0.84
N HIS B 179 1.90 -7.25 0.18
CA HIS B 179 1.76 -8.54 0.89
C HIS B 179 2.90 -9.46 0.47
N HIS B 180 3.98 -9.47 1.28
CA HIS B 180 5.16 -10.32 1.01
C HIS B 180 4.91 -11.62 1.78
N ASP B 181 4.42 -12.65 1.06
CA ASP B 181 4.06 -13.92 1.68
C ASP B 181 5.24 -14.88 1.61
N VAL B 182 6.05 -14.90 2.68
CA VAL B 182 7.25 -15.74 2.79
C VAL B 182 6.86 -17.01 3.52
N VAL B 183 7.05 -18.16 2.85
CA VAL B 183 6.60 -19.45 3.39
C VAL B 183 7.76 -20.43 3.54
N GLN B 184 7.62 -21.44 4.41
CA GLN B 184 8.67 -22.46 4.53
CA GLN B 184 8.65 -22.47 4.53
C GLN B 184 8.60 -23.36 3.29
N ASP B 185 9.73 -23.51 2.59
CA ASP B 185 9.73 -24.33 1.38
C ASP B 185 9.31 -25.78 1.68
N PRO B 186 8.31 -26.30 0.92
CA PRO B 186 7.83 -27.67 1.17
C PRO B 186 8.49 -28.78 0.35
N ASN B 187 9.38 -28.44 -0.59
CA ASN B 187 9.90 -29.41 -1.57
C ASN B 187 11.06 -30.33 -1.15
N ASN B 188 11.73 -30.09 -0.02
CA ASN B 188 12.78 -31.01 0.48
C ASN B 188 14.02 -31.05 -0.41
N THR B 189 14.42 -29.88 -0.93
CA THR B 189 15.64 -29.87 -1.75
C THR B 189 16.55 -28.72 -1.29
N TYR B 190 17.74 -28.65 -1.83
CA TYR B 190 18.71 -27.63 -1.46
C TYR B 190 18.30 -26.23 -1.91
N ILE B 191 17.50 -26.15 -2.99
CA ILE B 191 17.35 -24.90 -3.72
C ILE B 191 16.34 -23.91 -3.11
N ASP B 192 15.25 -24.41 -2.53
CA ASP B 192 14.26 -23.56 -1.87
C ASP B 192 13.77 -22.42 -2.80
N HIS B 193 13.32 -22.78 -4.01
CA HIS B 193 12.70 -21.86 -4.97
C HIS B 193 11.24 -22.16 -5.12
N VAL B 194 10.38 -21.12 -5.03
CA VAL B 194 8.94 -21.31 -5.18
C VAL B 194 8.60 -22.00 -6.52
N ASP B 195 9.30 -21.68 -7.62
CA ASP B 195 8.90 -22.19 -8.94
C ASP B 195 9.00 -23.73 -9.09
N CYS B 196 9.67 -24.42 -8.16
CA CYS B 196 9.73 -25.90 -8.18
C CYS B 196 8.46 -26.53 -7.54
N TRP B 197 7.58 -25.73 -6.94
CA TRP B 197 6.37 -26.28 -6.32
C TRP B 197 5.13 -25.41 -6.51
N GLY B 198 5.27 -24.12 -6.82
CA GLY B 198 4.11 -23.23 -6.89
C GLY B 198 4.17 -22.22 -8.01
N LYS B 199 2.99 -21.86 -8.53
CA LYS B 199 2.94 -20.90 -9.61
C LYS B 199 1.62 -20.21 -9.69
N TYR B 200 1.62 -18.88 -9.62
CA TYR B 200 0.35 -18.19 -9.91
C TYR B 200 0.05 -18.36 -11.42
N LEU B 201 -1.14 -18.85 -11.76
CA LEU B 201 -1.55 -18.98 -13.19
C LEU B 201 -2.36 -17.76 -13.64
N ALA B 202 -2.97 -17.04 -12.67
CA ALA B 202 -3.78 -15.84 -12.86
C ALA B 202 -3.91 -15.20 -11.48
N PRO B 203 -4.43 -13.97 -11.34
CA PRO B 203 -4.57 -13.37 -9.99
C PRO B 203 -5.38 -14.25 -9.05
N ASN B 204 -6.27 -15.11 -9.59
CA ASN B 204 -7.17 -15.93 -8.75
C ASN B 204 -6.83 -17.45 -8.78
N LYS B 205 -5.71 -17.83 -9.39
CA LYS B 205 -5.36 -19.23 -9.54
C LYS B 205 -3.94 -19.52 -9.15
N ILE B 206 -3.73 -20.60 -8.40
CA ILE B 206 -2.37 -20.99 -8.05
C ILE B 206 -2.25 -22.51 -8.25
N LEU B 207 -1.14 -22.92 -8.88
CA LEU B 207 -0.86 -24.31 -9.12
C LEU B 207 0.14 -24.76 -8.06
N ILE B 208 -0.18 -25.84 -7.34
CA ILE B 208 0.72 -26.39 -6.32
C ILE B 208 1.07 -27.83 -6.67
N ARG B 209 2.36 -28.16 -6.63
CA ARG B 209 2.86 -29.53 -6.84
C ARG B 209 2.13 -30.54 -5.91
N LYS B 210 1.90 -31.75 -6.43
CA LYS B 210 1.32 -32.86 -5.67
C LYS B 210 2.19 -34.07 -5.92
N VAL B 211 2.38 -34.88 -4.88
CA VAL B 211 3.19 -36.10 -5.02
C VAL B 211 2.36 -37.28 -4.49
N PRO B 212 2.76 -38.55 -4.78
CA PRO B 212 1.98 -39.69 -4.25
C PRO B 212 1.94 -39.71 -2.72
N ASP B 213 0.90 -40.34 -2.16
CA ASP B 213 0.67 -40.42 -0.71
C ASP B 213 1.88 -40.93 0.09
N ASN B 214 2.69 -41.83 -0.50
CA ASN B 214 3.86 -42.45 0.15
C ASN B 214 5.17 -41.63 0.00
N HIS B 215 5.14 -40.51 -0.76
CA HIS B 215 6.31 -39.65 -0.92
C HIS B 215 6.53 -38.84 0.38
N PRO B 216 7.80 -38.61 0.80
CA PRO B 216 8.03 -37.94 2.09
C PRO B 216 7.52 -36.51 2.20
N GLN B 217 7.32 -35.84 1.07
CA GLN B 217 6.84 -34.45 1.04
C GLN B 217 5.36 -34.34 0.77
N HIS B 218 4.64 -35.46 0.80
CA HIS B 218 3.20 -35.43 0.53
C HIS B 218 2.46 -34.44 1.44
N GLN B 219 2.57 -34.60 2.78
CA GLN B 219 1.83 -33.69 3.69
C GLN B 219 2.27 -32.22 3.55
N ALA B 220 3.58 -31.94 3.39
CA ALA B 220 4.05 -30.55 3.26
C ALA B 220 3.37 -29.85 2.07
N LEU B 221 3.26 -30.57 0.93
CA LEU B 221 2.63 -30.03 -0.28
C LEU B 221 1.11 -29.91 -0.11
N GLU B 222 0.47 -30.87 0.58
CA GLU B 222 -0.97 -30.79 0.85
C GLU B 222 -1.25 -29.61 1.75
N ASP B 223 -0.36 -29.38 2.75
CA ASP B 223 -0.48 -28.24 3.67
C ASP B 223 -0.33 -26.93 2.92
N MET B 224 0.60 -26.87 1.95
CA MET B 224 0.80 -25.67 1.14
C MET B 224 -0.46 -25.37 0.30
N ALA B 225 -1.07 -26.41 -0.34
CA ALA B 225 -2.30 -26.25 -1.13
C ALA B 225 -3.42 -25.71 -0.23
N ALA B 226 -3.60 -26.31 0.99
CA ALA B 226 -4.62 -25.85 1.93
C ALA B 226 -4.37 -24.38 2.35
N TYR B 227 -3.09 -24.02 2.57
CA TYR B 227 -2.69 -22.66 2.98
C TYR B 227 -3.19 -21.61 1.94
N PHE B 228 -3.01 -21.87 0.63
CA PHE B 228 -3.47 -20.93 -0.39
C PHE B 228 -4.99 -21.03 -0.60
N ALA B 229 -5.56 -22.22 -0.46
CA ALA B 229 -7.01 -22.40 -0.66
C ALA B 229 -7.82 -21.57 0.32
N ALA B 230 -7.24 -21.27 1.49
CA ALA B 230 -7.95 -20.51 2.53
C ALA B 230 -7.72 -18.99 2.38
N GLN B 231 -6.82 -18.60 1.47
CA GLN B 231 -6.54 -17.17 1.28
C GLN B 231 -7.47 -16.53 0.24
N THR B 232 -7.82 -15.28 0.49
CA THR B 232 -8.59 -14.45 -0.44
C THR B 232 -7.59 -13.90 -1.45
N CYS B 233 -7.88 -14.08 -2.74
CA CYS B 233 -6.99 -13.60 -3.78
C CYS B 233 -7.28 -12.13 -4.10
N ALA B 234 -6.47 -11.51 -4.99
CA ALA B 234 -6.63 -10.09 -5.34
C ALA B 234 -8.06 -9.71 -5.77
N TRP B 235 -8.77 -10.63 -6.46
CA TRP B 235 -10.13 -10.37 -6.96
C TRP B 235 -11.24 -10.58 -5.92
N GLY B 236 -10.89 -10.99 -4.69
CA GLY B 236 -11.88 -11.12 -3.63
C GLY B 236 -12.44 -12.50 -3.39
N THR B 237 -12.09 -13.46 -4.23
CA THR B 237 -12.57 -14.84 -4.09
C THR B 237 -11.45 -15.65 -3.46
N LYS B 238 -11.75 -16.86 -2.95
CA LYS B 238 -10.66 -17.68 -2.45
C LYS B 238 -9.89 -18.19 -3.66
N TYR B 239 -8.58 -18.38 -3.55
CA TYR B 239 -7.79 -18.90 -4.67
C TYR B 239 -8.34 -20.20 -5.20
N GLU B 240 -8.30 -20.35 -6.53
CA GLU B 240 -8.58 -21.63 -7.19
C GLU B 240 -7.25 -22.35 -7.13
N VAL B 241 -7.20 -23.47 -6.40
CA VAL B 241 -5.93 -24.19 -6.24
C VAL B 241 -5.95 -25.42 -7.14
N TYR B 242 -5.01 -25.45 -8.08
CA TYR B 242 -4.83 -26.53 -9.03
C TYR B 242 -3.65 -27.38 -8.59
N ARG B 243 -3.66 -28.68 -8.92
CA ARG B 243 -2.59 -29.57 -8.51
C ARG B 243 -2.03 -30.31 -9.69
N ALA B 244 -0.71 -30.36 -9.80
CA ALA B 244 -0.05 -31.14 -10.84
C ALA B 244 0.68 -32.29 -10.16
N LEU B 245 0.25 -33.51 -10.46
CA LEU B 245 0.81 -34.69 -9.82
C LEU B 245 2.13 -35.12 -10.45
N ALA B 246 3.19 -35.02 -9.64
CA ALA B 246 4.53 -35.47 -10.02
C ALA B 246 4.73 -36.86 -9.40
N THR B 247 4.54 -37.92 -10.21
CA THR B 247 4.69 -39.30 -9.75
C THR B 247 6.15 -39.66 -9.53
N ASN B 248 7.04 -38.94 -10.22
CA ASN B 248 8.46 -39.24 -10.23
C ASN B 248 9.30 -37.97 -10.44
N GLU B 249 9.08 -36.97 -9.58
CA GLU B 249 9.82 -35.71 -9.48
C GLU B 249 9.79 -34.87 -10.79
N GLN B 250 8.77 -35.09 -11.65
CA GLN B 250 8.61 -34.29 -12.90
C GLN B 250 8.34 -32.82 -12.54
N PRO B 251 9.09 -31.85 -13.14
CA PRO B 251 8.94 -30.45 -12.73
C PRO B 251 7.76 -29.71 -13.39
N TYR B 252 6.54 -30.24 -13.23
CA TYR B 252 5.36 -29.68 -13.92
C TYR B 252 4.99 -28.24 -13.52
N THR B 253 5.32 -27.75 -12.31
CA THR B 253 5.00 -26.34 -11.98
C THR B 253 6.03 -25.37 -12.57
N ASN B 254 7.13 -25.89 -13.12
CA ASN B 254 8.23 -25.09 -13.61
C ASN B 254 8.03 -24.68 -15.08
N SER B 255 6.86 -24.11 -15.37
CA SER B 255 6.45 -23.70 -16.70
C SER B 255 6.67 -22.22 -16.92
N LEU B 256 6.54 -21.78 -18.17
CA LEU B 256 6.62 -20.36 -18.53
C LEU B 256 5.32 -19.89 -19.14
N ILE B 257 4.71 -18.86 -18.56
CA ILE B 257 3.55 -18.26 -19.20
C ILE B 257 4.10 -17.12 -20.05
N LEU B 258 3.89 -17.19 -21.37
CA LEU B 258 4.35 -16.13 -22.26
C LEU B 258 3.19 -15.71 -23.12
N ASN B 259 2.56 -14.60 -22.74
CA ASN B 259 1.40 -14.06 -23.43
C ASN B 259 0.29 -15.14 -23.41
N ASN B 260 -0.21 -15.62 -24.57
CA ASN B 260 -1.31 -16.60 -24.58
C ASN B 260 -0.84 -18.07 -24.72
N ARG B 261 0.45 -18.33 -24.45
CA ARG B 261 0.99 -19.68 -24.53
C ARG B 261 1.64 -20.06 -23.19
N VAL B 262 1.59 -21.38 -22.86
CA VAL B 262 2.21 -21.87 -21.63
C VAL B 262 3.11 -23.03 -22.03
N PHE B 263 4.39 -22.93 -21.69
CA PHE B 263 5.38 -23.94 -22.02
C PHE B 263 5.64 -24.79 -20.80
N VAL B 264 5.19 -26.04 -20.80
CA VAL B 264 5.29 -26.94 -19.62
C VAL B 264 6.39 -27.98 -19.86
N PRO B 265 7.43 -28.07 -18.98
CA PRO B 265 8.45 -29.11 -19.21
C PRO B 265 7.85 -30.49 -18.91
N VAL B 266 8.12 -31.46 -19.78
CA VAL B 266 7.60 -32.83 -19.62
C VAL B 266 8.77 -33.82 -19.68
N ASN B 267 8.79 -34.83 -18.81
CA ASN B 267 9.89 -35.79 -18.93
C ASN B 267 9.41 -37.23 -18.70
N GLY B 268 8.11 -37.44 -18.85
CA GLY B 268 7.49 -38.76 -18.83
C GLY B 268 7.07 -39.34 -17.49
N PRO B 269 6.29 -40.45 -17.53
CA PRO B 269 5.74 -41.12 -18.72
C PRO B 269 4.61 -40.32 -19.39
N ALA B 270 4.33 -40.61 -20.66
CA ALA B 270 3.35 -39.89 -21.49
C ALA B 270 2.00 -39.63 -20.78
N SER B 271 1.42 -40.65 -20.14
CA SER B 271 0.14 -40.54 -19.42
C SER B 271 0.20 -39.52 -18.27
N VAL B 272 1.31 -39.51 -17.51
CA VAL B 272 1.50 -38.60 -16.38
C VAL B 272 1.72 -37.15 -16.90
N ASP B 273 2.48 -37.02 -18.01
CA ASP B 273 2.68 -35.73 -18.68
C ASP B 273 1.35 -35.16 -19.14
N ASN B 274 0.55 -36.00 -19.84
CA ASN B 274 -0.77 -35.60 -20.38
C ASN B 274 -1.72 -35.23 -19.25
N ASP B 275 -1.64 -35.91 -18.07
CA ASP B 275 -2.49 -35.53 -16.94
C ASP B 275 -2.14 -34.11 -16.50
N ALA B 276 -0.82 -33.79 -16.39
CA ALA B 276 -0.37 -32.46 -15.97
C ALA B 276 -0.78 -31.38 -16.98
N LEU B 277 -0.61 -31.66 -18.28
CA LEU B 277 -1.02 -30.72 -19.33
C LEU B 277 -2.51 -30.45 -19.28
N ASN B 278 -3.32 -31.47 -18.93
CA ASN B 278 -4.78 -31.32 -18.83
C ASN B 278 -5.17 -30.46 -17.64
N VAL B 279 -4.33 -30.44 -16.59
CA VAL B 279 -4.60 -29.56 -15.43
C VAL B 279 -4.47 -28.10 -15.93
N TYR B 280 -3.36 -27.79 -16.65
CA TYR B 280 -3.16 -26.44 -17.20
C TYR B 280 -4.29 -26.04 -18.14
N LYS B 281 -4.71 -26.97 -19.05
CA LYS B 281 -5.81 -26.71 -20.01
C LYS B 281 -7.12 -26.36 -19.30
N THR B 282 -7.45 -27.12 -18.25
CA THR B 282 -8.66 -26.85 -17.47
C THR B 282 -8.55 -25.51 -16.74
N ALA B 283 -7.38 -25.24 -16.14
CA ALA B 283 -7.16 -24.03 -15.35
C ALA B 283 -7.10 -22.77 -16.18
N MET B 284 -6.58 -22.87 -17.43
CA MET B 284 -6.32 -21.72 -18.26
C MET B 284 -7.03 -21.79 -19.63
N PRO B 285 -8.39 -21.72 -19.65
CA PRO B 285 -9.10 -21.72 -20.94
C PRO B 285 -8.63 -20.59 -21.85
N GLY B 286 -8.46 -20.89 -23.13
CA GLY B 286 -7.99 -19.92 -24.10
C GLY B 286 -6.50 -19.92 -24.34
N TYR B 287 -5.72 -20.49 -23.40
CA TYR B 287 -4.29 -20.57 -23.56
C TYR B 287 -3.88 -21.79 -24.38
N GLU B 288 -2.77 -21.66 -25.11
CA GLU B 288 -2.19 -22.77 -25.82
C GLU B 288 -1.20 -23.43 -24.85
N ILE B 289 -1.51 -24.67 -24.42
CA ILE B 289 -0.65 -25.42 -23.49
C ILE B 289 0.28 -26.32 -24.28
N ILE B 290 1.60 -26.12 -24.10
CA ILE B 290 2.58 -26.85 -24.89
C ILE B 290 3.54 -27.64 -24.01
N GLY B 291 3.57 -28.95 -24.20
CA GLY B 291 4.49 -29.84 -23.50
C GLY B 291 5.84 -29.75 -24.17
N VAL B 292 6.91 -29.51 -23.40
CA VAL B 292 8.25 -29.35 -23.98
C VAL B 292 9.22 -30.41 -23.44
N LYS B 293 9.73 -31.26 -24.34
CA LYS B 293 10.71 -32.30 -24.03
C LYS B 293 12.05 -31.59 -23.75
N GLY B 294 12.85 -32.14 -22.85
CA GLY B 294 14.13 -31.53 -22.51
C GLY B 294 15.23 -31.84 -23.51
N ALA B 295 16.32 -31.07 -23.45
CA ALA B 295 17.54 -31.30 -24.23
C ALA B 295 18.27 -32.46 -23.57
N SER B 296 18.82 -33.38 -24.36
CA SER B 296 19.50 -34.56 -23.80
C SER B 296 20.72 -34.19 -22.94
N GLY B 297 21.46 -33.16 -23.35
CA GLY B 297 22.67 -32.76 -22.62
C GLY B 297 22.39 -32.03 -21.32
N THR B 298 21.24 -31.36 -21.22
CA THR B 298 20.87 -30.56 -20.04
C THR B 298 19.41 -30.88 -19.73
N PRO B 299 19.12 -32.12 -19.26
CA PRO B 299 17.71 -32.46 -19.02
C PRO B 299 17.02 -31.63 -17.98
N TRP B 300 15.69 -31.68 -18.00
CA TRP B 300 14.90 -31.03 -16.96
C TRP B 300 15.13 -31.77 -15.65
N LEU B 301 15.19 -31.03 -14.51
CA LEU B 301 15.37 -31.64 -13.18
C LEU B 301 14.25 -31.14 -12.31
N GLY B 302 14.00 -31.83 -11.19
CA GLY B 302 12.96 -31.42 -10.26
C GLY B 302 13.23 -30.06 -9.65
N THR B 303 14.51 -29.68 -9.56
CA THR B 303 14.99 -28.42 -8.98
C THR B 303 15.40 -27.40 -10.07
N ASP B 304 15.18 -27.70 -11.36
CA ASP B 304 15.69 -26.85 -12.43
C ASP B 304 15.10 -27.28 -13.74
N ALA B 305 14.09 -26.53 -14.23
CA ALA B 305 13.54 -26.91 -15.52
C ALA B 305 13.29 -25.66 -16.41
N LEU B 306 12.24 -25.66 -17.21
CA LEU B 306 11.99 -24.64 -18.23
C LEU B 306 11.85 -23.21 -17.66
N HIS B 307 11.06 -23.03 -16.60
CA HIS B 307 10.92 -21.70 -16.02
C HIS B 307 12.26 -21.17 -15.51
N CYS B 308 13.11 -22.07 -15.00
CA CYS B 308 14.40 -21.72 -14.43
C CYS B 308 15.39 -21.22 -15.45
N ARG B 309 15.13 -21.50 -16.74
CA ARG B 309 16.10 -21.18 -17.79
C ARG B 309 15.54 -20.16 -18.83
N THR B 310 14.55 -19.39 -18.43
CA THR B 310 13.88 -18.36 -19.22
C THR B 310 13.50 -17.23 -18.32
N HIS B 311 13.31 -16.02 -18.90
CA HIS B 311 12.74 -14.92 -18.13
C HIS B 311 11.99 -14.03 -19.08
N GLU B 312 10.71 -13.80 -18.79
CA GLU B 312 9.86 -12.93 -19.62
C GLU B 312 10.33 -11.48 -19.48
N VAL B 313 10.13 -10.68 -20.53
CA VAL B 313 10.54 -9.27 -20.56
C VAL B 313 9.29 -8.45 -20.75
N ALA B 314 8.98 -7.53 -19.82
CA ALA B 314 7.78 -6.72 -19.94
C ALA B 314 7.84 -5.77 -21.13
N ASP B 315 6.69 -5.27 -21.54
CA ASP B 315 6.59 -4.31 -22.61
C ASP B 315 6.89 -2.92 -22.02
N LYS B 316 7.99 -2.30 -22.46
CA LYS B 316 8.35 -0.96 -21.95
C LYS B 316 7.26 0.13 -22.30
N GLY B 317 6.44 -0.15 -23.31
CA GLY B 317 5.34 0.73 -23.72
C GLY B 317 3.98 0.17 -23.35
N TYR B 318 3.93 -0.73 -22.37
CA TYR B 318 2.76 -1.46 -21.89
C TYR B 318 1.48 -0.61 -21.79
N LEU B 319 0.39 -1.11 -22.43
CA LEU B 319 -0.95 -0.56 -22.28
C LEU B 319 -1.55 -1.35 -21.13
N TYR B 320 -1.60 -0.75 -19.94
CA TYR B 320 -1.98 -1.46 -18.72
C TYR B 320 -3.40 -1.18 -18.28
N ILE B 321 -4.17 -2.26 -18.11
CA ILE B 321 -5.55 -2.21 -17.60
C ILE B 321 -5.54 -2.66 -16.15
N LYS B 322 -5.96 -1.76 -15.24
CA LYS B 322 -6.09 -2.04 -13.81
C LYS B 322 -7.57 -2.20 -13.51
N HIS B 323 -7.98 -3.39 -13.04
CA HIS B 323 -9.38 -3.70 -12.81
C HIS B 323 -9.60 -4.72 -11.68
N TYR B 324 -10.53 -4.40 -10.80
CA TYR B 324 -11.03 -5.30 -9.75
C TYR B 324 -12.41 -5.73 -10.21
N PRO B 325 -12.58 -6.99 -10.65
CA PRO B 325 -13.86 -7.38 -11.24
C PRO B 325 -15.01 -7.54 -10.25
N ILE B 326 -16.23 -7.54 -10.83
CA ILE B 326 -17.44 -7.84 -10.06
C ILE B 326 -17.75 -9.30 -10.39
N LEU B 327 -17.73 -10.14 -9.34
CA LEU B 327 -17.85 -11.60 -9.48
C LEU B 327 -18.93 -12.16 -8.59
N GLY B 328 -19.44 -13.34 -8.98
CA GLY B 328 -20.45 -14.08 -8.22
C GLY B 328 -21.75 -13.34 -8.02
N GLU B 329 -22.39 -13.55 -6.87
CA GLU B 329 -23.68 -12.94 -6.55
C GLU B 329 -23.53 -11.46 -6.23
N GLN B 330 -24.13 -10.61 -7.08
CA GLN B 330 -24.09 -9.14 -6.96
C GLN B 330 -25.44 -8.65 -6.49
N ALA B 331 -25.49 -8.09 -5.26
CA ALA B 331 -26.71 -7.60 -4.62
C ALA B 331 -27.35 -6.40 -5.33
N GLY B 332 -26.55 -5.58 -6.01
CA GLY B 332 -27.04 -4.41 -6.73
C GLY B 332 -27.55 -3.29 -5.85
N PRO B 333 -28.53 -2.46 -6.29
CA PRO B 333 -29.27 -2.51 -7.58
C PRO B 333 -28.43 -2.12 -8.80
N ASP B 334 -27.26 -1.49 -8.58
CA ASP B 334 -26.35 -1.07 -9.64
C ASP B 334 -25.22 -2.09 -9.85
N TYR B 335 -24.88 -2.33 -11.12
CA TYR B 335 -23.82 -3.25 -11.52
C TYR B 335 -22.81 -2.44 -12.32
N LYS B 336 -21.89 -1.81 -11.59
CA LYS B 336 -20.89 -0.88 -12.10
C LYS B 336 -19.51 -1.47 -12.05
N ILE B 337 -18.77 -1.31 -13.15
CA ILE B 337 -17.38 -1.69 -13.29
C ILE B 337 -16.55 -0.44 -13.52
N GLU B 338 -15.28 -0.50 -13.15
CA GLU B 338 -14.34 0.59 -13.34
C GLU B 338 -13.00 0.05 -13.66
N ALA B 339 -12.31 0.71 -14.56
CA ALA B 339 -10.97 0.31 -14.93
C ALA B 339 -10.12 1.53 -15.12
N ASP B 340 -8.85 1.44 -14.71
CA ASP B 340 -7.87 2.48 -14.96
C ASP B 340 -7.02 2.00 -16.10
N VAL B 341 -6.82 2.82 -17.12
CA VAL B 341 -6.03 2.40 -18.27
C VAL B 341 -4.96 3.45 -18.47
N VAL B 342 -3.68 3.02 -18.48
CA VAL B 342 -2.55 3.93 -18.71
C VAL B 342 -1.71 3.33 -19.84
N SER B 343 -1.09 4.21 -20.62
CA SER B 343 -0.22 3.80 -21.72
C SER B 343 1.21 4.16 -21.37
N CYS B 344 2.08 3.16 -21.17
CA CYS B 344 3.48 3.46 -20.87
C CYS B 344 4.18 3.90 -22.16
N ALA B 345 3.51 3.72 -23.30
CA ALA B 345 4.02 4.22 -24.58
C ALA B 345 3.65 5.72 -24.79
N ASN B 346 2.92 6.33 -23.82
CA ASN B 346 2.43 7.71 -23.94
C ASN B 346 1.64 7.85 -25.27
N ALA B 347 0.90 6.77 -25.63
CA ALA B 347 0.05 6.70 -26.80
C ALA B 347 -1.37 7.13 -26.46
N THR B 348 -2.11 7.65 -27.43
CA THR B 348 -3.49 8.07 -27.19
C THR B 348 -4.36 6.82 -27.09
N ILE B 349 -5.12 6.70 -25.99
CA ILE B 349 -5.93 5.53 -25.76
C ILE B 349 -7.31 5.71 -26.36
N SER B 350 -7.71 4.73 -27.18
CA SER B 350 -9.04 4.66 -27.80
C SER B 350 -9.16 3.48 -28.73
N PRO B 351 -10.26 2.72 -28.63
CA PRO B 351 -11.35 2.83 -27.66
C PRO B 351 -11.10 2.03 -26.37
N VAL B 352 -11.92 2.27 -25.32
CA VAL B 352 -11.94 1.47 -24.08
C VAL B 352 -13.34 0.89 -24.00
N GLN B 353 -13.44 -0.44 -24.07
CA GLN B 353 -14.75 -1.07 -24.17
C GLN B 353 -14.98 -2.16 -23.16
N CYS B 354 -16.27 -2.41 -22.91
CA CYS B 354 -16.71 -3.55 -22.15
C CYS B 354 -17.40 -4.50 -23.12
N TYR B 355 -16.85 -5.74 -23.26
CA TYR B 355 -17.46 -6.79 -24.07
C TYR B 355 -18.26 -7.64 -23.11
N TYR B 356 -19.54 -7.87 -23.40
CA TYR B 356 -20.36 -8.60 -22.45
C TYR B 356 -21.36 -9.53 -23.14
N ARG B 357 -21.90 -10.48 -22.39
CA ARG B 357 -22.94 -11.38 -22.85
C ARG B 357 -23.89 -11.64 -21.69
N ILE B 358 -25.21 -11.67 -21.97
CA ILE B 358 -26.24 -11.88 -20.98
C ILE B 358 -26.87 -13.26 -21.18
N ASN B 359 -26.92 -14.07 -20.10
CA ASN B 359 -27.53 -15.41 -20.04
C ASN B 359 -26.99 -16.35 -21.14
N GLY B 360 -25.69 -16.23 -21.42
CA GLY B 360 -24.94 -17.02 -22.40
C GLY B 360 -25.51 -17.02 -23.80
N SER B 361 -26.38 -16.04 -24.12
CA SER B 361 -27.09 -15.99 -25.39
C SER B 361 -26.34 -15.19 -26.45
N GLY B 362 -26.22 -15.80 -27.63
CA GLY B 362 -25.55 -15.22 -28.80
C GLY B 362 -24.08 -14.90 -28.62
N SER B 363 -23.62 -13.82 -29.26
CA SER B 363 -22.23 -13.37 -29.21
C SER B 363 -22.01 -12.24 -28.21
N PHE B 364 -20.73 -11.97 -27.87
CA PHE B 364 -20.40 -10.86 -26.99
C PHE B 364 -20.65 -9.55 -27.71
N LYS B 365 -21.26 -8.60 -27.00
CA LYS B 365 -21.57 -7.27 -27.51
C LYS B 365 -20.59 -6.27 -26.95
N ALA B 366 -20.19 -5.26 -27.73
CA ALA B 366 -19.27 -4.24 -27.25
C ALA B 366 -20.00 -2.96 -26.87
N ALA B 367 -19.59 -2.35 -25.75
CA ALA B 367 -20.12 -1.07 -25.28
C ALA B 367 -18.96 -0.18 -24.87
N ASP B 368 -19.01 1.09 -25.24
CA ASP B 368 -17.93 2.01 -24.86
C ASP B 368 -17.99 2.35 -23.38
N MET B 369 -16.83 2.31 -22.73
CA MET B 369 -16.77 2.72 -21.33
C MET B 369 -16.67 4.26 -21.30
N THR B 370 -17.18 4.88 -20.24
CA THR B 370 -17.13 6.33 -20.12
C THR B 370 -15.82 6.75 -19.42
N MET B 371 -15.10 7.73 -20.00
CA MET B 371 -13.94 8.27 -19.31
C MET B 371 -14.43 9.44 -18.46
N GLU B 372 -14.37 9.27 -17.13
CA GLU B 372 -14.86 10.24 -16.17
C GLU B 372 -13.81 11.30 -15.84
N SER B 373 -12.56 10.87 -15.82
CA SER B 373 -11.37 11.67 -15.58
C SER B 373 -10.24 10.95 -16.31
N THR B 374 -9.09 11.61 -16.50
CA THR B 374 -8.00 11.04 -17.29
C THR B 374 -7.62 9.61 -16.79
N GLY B 375 -7.70 8.66 -17.72
CA GLY B 375 -7.39 7.25 -17.46
C GLY B 375 -8.36 6.44 -16.61
N HIS B 376 -9.47 7.04 -16.14
CA HIS B 376 -10.45 6.33 -15.30
C HIS B 376 -11.73 6.13 -16.10
N TYR B 377 -12.09 4.85 -16.33
CA TYR B 377 -13.22 4.45 -17.17
C TYR B 377 -14.24 3.65 -16.40
N THR B 378 -15.53 3.87 -16.70
CA THR B 378 -16.62 3.20 -16.01
C THR B 378 -17.65 2.68 -16.99
N TYR B 379 -18.40 1.70 -16.53
CA TYR B 379 -19.50 1.15 -17.29
C TYR B 379 -20.53 0.58 -16.35
N SER B 380 -21.81 0.89 -16.60
CA SER B 380 -22.91 0.34 -15.81
C SER B 380 -23.76 -0.57 -16.68
N PHE B 381 -23.99 -1.79 -16.21
CA PHE B 381 -24.87 -2.75 -16.86
C PHE B 381 -26.29 -2.32 -16.55
N THR B 382 -27.08 -1.99 -17.58
CA THR B 382 -28.45 -1.51 -17.39
C THR B 382 -29.47 -2.51 -17.92
N GLY B 383 -30.70 -2.43 -17.40
CA GLY B 383 -31.81 -3.29 -17.81
C GLY B 383 -31.69 -4.75 -17.44
N LEU B 384 -30.84 -5.07 -16.46
CA LEU B 384 -30.64 -6.44 -15.98
C LEU B 384 -31.70 -6.80 -14.94
N ASN B 385 -32.24 -8.02 -15.04
CA ASN B 385 -33.28 -8.55 -14.17
C ASN B 385 -32.71 -9.55 -13.16
N LYS B 386 -33.49 -9.92 -12.13
CA LYS B 386 -33.07 -10.90 -11.13
C LYS B 386 -32.74 -12.24 -11.80
N ASN B 387 -31.62 -12.86 -11.38
CA ASN B 387 -31.07 -14.15 -11.81
C ASN B 387 -30.38 -14.08 -13.21
N ASP B 388 -30.24 -12.86 -13.81
CA ASP B 388 -29.54 -12.69 -15.08
C ASP B 388 -28.06 -12.93 -14.87
N LYS B 389 -27.43 -13.76 -15.72
CA LYS B 389 -26.00 -14.06 -15.61
C LYS B 389 -25.23 -13.25 -16.64
N VAL B 390 -24.14 -12.62 -16.19
CA VAL B 390 -23.35 -11.77 -17.06
C VAL B 390 -21.93 -12.31 -17.19
N GLU B 391 -21.43 -12.32 -18.41
CA GLU B 391 -20.04 -12.60 -18.76
C GLU B 391 -19.46 -11.30 -19.27
N TYR B 392 -18.27 -10.89 -18.85
CA TYR B 392 -17.72 -9.65 -19.43
C TYR B 392 -16.20 -9.64 -19.36
N TYR B 393 -15.60 -8.80 -20.22
CA TYR B 393 -14.16 -8.53 -20.18
C TYR B 393 -13.95 -7.09 -20.66
N ILE B 394 -12.77 -6.54 -20.38
CA ILE B 394 -12.42 -5.17 -20.74
C ILE B 394 -11.51 -5.23 -21.96
N SER B 395 -11.62 -4.26 -22.86
CA SER B 395 -10.73 -4.20 -24.01
C SER B 395 -10.25 -2.74 -24.18
N ALA B 396 -8.96 -2.54 -24.45
CA ALA B 396 -8.39 -1.23 -24.69
C ALA B 396 -7.45 -1.29 -25.87
N ALA B 397 -7.32 -0.16 -26.58
CA ALA B 397 -6.37 -0.06 -27.68
C ALA B 397 -5.77 1.33 -27.67
N ASP B 398 -4.60 1.50 -28.28
CA ASP B 398 -4.02 2.83 -28.33
C ASP B 398 -3.46 3.11 -29.72
N ASN B 399 -3.01 4.34 -29.98
CA ASN B 399 -2.57 4.70 -31.33
C ASN B 399 -1.14 4.21 -31.65
N SER B 400 -0.50 3.39 -30.77
CA SER B 400 0.77 2.75 -31.08
C SER B 400 0.50 1.34 -31.66
N GLY B 401 -0.78 0.97 -31.77
CA GLY B 401 -1.18 -0.32 -32.31
C GLY B 401 -1.33 -1.40 -31.25
N ARG B 402 -1.18 -1.03 -29.96
CA ARG B 402 -1.33 -1.98 -28.86
C ARG B 402 -2.79 -2.25 -28.64
N LYS B 403 -3.12 -3.50 -28.32
CA LYS B 403 -4.48 -3.98 -28.09
C LYS B 403 -4.40 -4.93 -26.92
N GLU B 404 -5.10 -4.62 -25.83
CA GLU B 404 -5.08 -5.43 -24.62
C GLU B 404 -6.47 -5.69 -24.08
N THR B 405 -6.65 -6.84 -23.43
CA THR B 405 -7.89 -7.16 -22.75
C THR B 405 -7.60 -7.44 -21.29
N TYR B 406 -8.64 -7.36 -20.43
CA TYR B 406 -8.59 -7.78 -19.04
C TYR B 406 -9.82 -8.69 -18.84
N PRO B 407 -9.65 -10.01 -18.57
CA PRO B 407 -8.39 -10.73 -18.35
C PRO B 407 -7.54 -10.74 -19.63
N PHE B 408 -6.23 -11.00 -19.47
CA PHE B 408 -5.29 -10.99 -20.60
C PHE B 408 -5.80 -11.84 -21.79
N ILE B 409 -6.33 -13.05 -21.52
CA ILE B 409 -6.77 -13.96 -22.57
C ILE B 409 -8.09 -13.51 -23.21
N GLY B 410 -8.84 -12.65 -22.52
CA GLY B 410 -10.07 -12.09 -23.04
C GLY B 410 -11.26 -13.01 -23.03
N GLU B 411 -11.95 -13.07 -24.21
CA GLU B 411 -13.20 -13.79 -24.43
C GLU B 411 -13.23 -15.25 -23.94
N PRO B 412 -12.18 -16.10 -24.09
CA PRO B 412 -12.28 -17.48 -23.59
C PRO B 412 -12.40 -17.65 -22.07
N ASP B 413 -12.14 -16.60 -21.28
CA ASP B 413 -12.20 -16.71 -19.81
C ASP B 413 -12.73 -15.39 -19.20
N PRO B 414 -14.02 -15.07 -19.44
CA PRO B 414 -14.54 -13.78 -18.95
C PRO B 414 -14.89 -13.80 -17.47
N PHE B 415 -15.05 -12.58 -16.90
CA PHE B 415 -15.52 -12.42 -15.53
C PHE B 415 -16.98 -12.76 -15.54
N LYS B 416 -17.47 -13.42 -14.48
CA LYS B 416 -18.85 -13.85 -14.40
C LYS B 416 -19.50 -13.38 -13.12
N PHE B 417 -20.72 -12.85 -13.23
CA PHE B 417 -21.49 -12.45 -12.06
C PHE B 417 -22.98 -12.67 -12.32
N THR B 418 -23.77 -12.72 -11.23
CA THR B 418 -25.22 -12.90 -11.27
C THR B 418 -25.91 -11.72 -10.58
N CYS B 419 -26.99 -11.23 -11.18
CA CYS B 419 -27.76 -10.12 -10.63
C CYS B 419 -28.73 -10.65 -9.57
N MET B 420 -28.66 -10.09 -8.36
CA MET B 420 -29.48 -10.52 -7.22
C MET B 420 -30.62 -9.55 -6.87
N ASN B 421 -30.55 -8.28 -7.33
CA ASN B 421 -31.61 -7.30 -7.09
C ASN B 421 -32.84 -7.58 -7.98
N GLU B 422 -34.04 -7.12 -7.56
CA GLU B 422 -35.28 -7.28 -8.32
C GLU B 422 -35.46 -6.11 -9.30
NA NA C . -20.74 5.21 9.07
OAE BFB D . -16.90 -0.30 20.96
CAU BFB D . -16.30 -0.70 21.96
NAA BFB D . -15.54 -1.79 22.00
CAZ BFB D . -16.33 0.10 23.25
CAO BFB D . -15.01 0.83 23.53
CAM BFB D . -14.55 1.65 22.33
CAN BFB D . -13.20 2.25 22.66
NAR BFB D . -12.69 2.96 21.47
CAV BFB D . -11.46 3.44 21.30
CAP BFB D . -10.40 3.21 22.39
NAC BFB D . -11.08 4.19 20.24
NAS BFB D . -16.71 -0.71 24.44
CAW BFB D . -17.80 -1.50 24.45
OAF BFB D . -18.48 -1.71 23.46
CAX BFB D . -18.09 -2.12 25.69
CAK BFB D . -19.44 -2.28 26.07
CAL BFB D . -17.09 -2.53 26.60
CAJ BFB D . -17.42 -3.09 27.85
CAH BFB D . -18.77 -3.22 28.21
CAI BFB D . -19.79 -2.82 27.32
NA NA E . -27.64 4.20 23.34
C1 GOL F . 10.73 19.14 14.96
O1 GOL F . 10.57 19.72 13.68
C2 GOL F . 11.36 17.78 14.85
O2 GOL F . 12.48 17.85 13.96
C3 GOL F . 11.83 17.36 16.23
O3 GOL F . 12.68 16.22 16.20
C1 GOL G . -17.57 -3.83 3.80
O1 GOL G . -18.35 -4.68 4.64
C2 GOL G . -16.59 -4.59 2.93
O2 GOL G . -15.70 -5.35 3.74
C3 GOL G . -17.31 -5.50 1.94
O3 GOL G . -18.00 -4.74 0.95
C1 GOL H . 3.86 -5.94 12.96
O1 GOL H . 2.72 -6.68 12.54
C2 GOL H . 4.47 -6.58 14.19
O2 GOL H . 4.97 -7.89 13.85
C3 GOL H . 5.60 -5.73 14.73
O3 GOL H . 6.19 -6.38 15.87
NA NA I . 22.35 -8.34 -9.56
OAE BFB J . 21.70 -21.96 -9.08
CAU BFB J . 21.35 -23.14 -9.01
NAA BFB J . 21.02 -23.74 -7.86
CAZ BFB J . 21.21 -24.00 -10.28
CAO BFB J . 19.76 -24.26 -10.65
CAM BFB J . 18.95 -22.96 -10.70
CAN BFB J . 17.51 -23.34 -10.96
NAR BFB J . 16.69 -22.12 -10.91
CAV BFB J . 15.35 -22.08 -10.88
CAP BFB J . 14.56 -23.39 -10.87
NAC BFB J . 14.66 -20.93 -10.96
NAS BFB J . 21.97 -25.28 -10.24
CAW BFB J . 23.26 -25.33 -9.84
OAF BFB J . 23.85 -24.34 -9.37
CAX BFB J . 23.88 -26.59 -9.93
CAK BFB J . 25.23 -26.64 -10.32
CAL BFB J . 23.19 -27.79 -9.74
CAJ BFB J . 23.85 -29.02 -9.85
CAH BFB J . 25.19 -29.06 -10.23
CAI BFB J . 25.88 -27.87 -10.47
C1 GOL K . -25.90 -4.14 -20.46
O1 GOL K . -25.61 -2.78 -20.19
C2 GOL K . -27.15 -4.27 -21.29
O2 GOL K . -26.88 -3.89 -22.64
C3 GOL K . -27.70 -5.67 -21.25
O3 GOL K . -29.11 -5.65 -21.01
C1 GOL L . 21.78 -7.67 1.50
O1 GOL L . 22.89 -8.52 1.77
C2 GOL L . 21.00 -7.38 2.77
O2 GOL L . 20.59 -8.61 3.37
C3 GOL L . 21.81 -6.58 3.78
O3 GOL L . 22.26 -5.35 3.21
#